data_2QM8
#
_entry.id   2QM8
#
_cell.length_a   59.41
_cell.length_b   77.04
_cell.length_c   79.95
_cell.angle_alpha   90
_cell.angle_beta   95.55
_cell.angle_gamma   90
#
_symmetry.space_group_name_H-M   'P 1 21 1'
#
loop_
_entity.id
_entity.type
_entity.pdbx_description
1 polymer GTPase/ATPase
2 non-polymer 'PHOSPHATE ION'
3 water water
#
_entity_poly.entity_id   1
_entity_poly.type   'polypeptide(L)'
_entity_poly.pdbx_seq_one_letter_code
;(MSE)SATLPD(MSE)DTLRERLLAGDRAALARAITLAESRRADHRAAVRDLIDAVLPQTGRAIRVGITGVPGVGKSTTI
DALGSLLTAAGHKVAVLAVDPSSTRTGGSILGDKTR(MSE)ARLAIDRNAFIRPSPSSGTLGGVAAKTRET(MSE)LLCE
AAGFDVILVETVGVGQSETAVADLTDFFLVL(MSE)LPGAGDELQGIKKGIFELAD(MSE)IAVNKADDGDGERRASAAA
SEYRAALHILTPPSATWTPPVVTISGLHGKGLDSLWSRIEDHRSKLTATGEIAGKRREQDVKW(MSE)WALVHERLHQRL
VGSAEVRQATAEAERAVAGGEHSPAAGADAIATLIGLLEHHHHHH
;
_entity_poly.pdbx_strand_id   A,B
#
loop_
_chem_comp.id
_chem_comp.type
_chem_comp.name
_chem_comp.formula
PO4 non-polymer 'PHOSPHATE ION' 'O4 P -3'
#
# COMPACT_ATOMS: atom_id res chain seq x y z
N THR A 4 -5.48 41.66 3.18
CA THR A 4 -5.19 40.48 4.06
C THR A 4 -4.37 39.37 3.37
N LEU A 5 -4.64 39.08 2.10
CA LEU A 5 -3.72 38.25 1.32
C LEU A 5 -2.51 39.13 0.96
N PRO A 6 -1.28 38.65 1.27
CA PRO A 6 -0.06 39.37 0.90
C PRO A 6 0.06 39.56 -0.61
N ASP A 7 0.85 40.54 -1.04
CA ASP A 7 1.24 40.62 -2.45
C ASP A 7 1.96 39.32 -2.78
N MSE A 8 1.34 38.52 -3.64
CA MSE A 8 1.84 37.19 -3.91
C MSE A 8 3.06 37.16 -4.81
O MSE A 8 3.89 36.24 -4.71
CB MSE A 8 0.74 36.29 -4.46
CG MSE A 8 -0.39 36.00 -3.45
SE MSE A 8 0.17 35.27 -1.74
CE MSE A 8 0.78 33.50 -2.39
N ASP A 9 3.17 38.14 -5.70
CA ASP A 9 4.36 38.27 -6.54
C ASP A 9 5.58 38.60 -5.68
N THR A 10 5.39 39.52 -4.74
CA THR A 10 6.45 39.87 -3.79
C THR A 10 6.83 38.67 -2.94
N LEU A 11 5.81 37.96 -2.42
CA LEU A 11 6.07 36.80 -1.58
CA LEU A 11 6.06 36.79 -1.58
C LEU A 11 6.87 35.75 -2.36
N ARG A 12 6.43 35.47 -3.58
CA ARG A 12 7.13 34.50 -4.44
C ARG A 12 8.59 34.86 -4.67
N GLU A 13 8.83 36.12 -5.05
CA GLU A 13 10.21 36.54 -5.34
C GLU A 13 11.13 36.50 -4.11
N ARG A 14 10.58 36.86 -2.96
CA ARG A 14 11.31 36.73 -1.68
C ARG A 14 11.61 35.28 -1.34
N LEU A 15 10.59 34.44 -1.45
CA LEU A 15 10.74 33.01 -1.14
C LEU A 15 11.87 32.43 -2.01
N LEU A 16 11.86 32.77 -3.31
CA LEU A 16 12.86 32.24 -4.24
C LEU A 16 14.28 32.74 -3.95
N ALA A 17 14.38 33.87 -3.25
CA ALA A 17 15.66 34.42 -2.79
C ALA A 17 16.12 33.86 -1.42
N GLY A 18 15.40 32.84 -0.92
CA GLY A 18 15.77 32.21 0.34
C GLY A 18 15.30 32.94 1.59
N ASP A 19 14.32 33.82 1.42
CA ASP A 19 13.74 34.57 2.53
C ASP A 19 12.94 33.60 3.44
N ARG A 20 13.52 33.31 4.60
CA ARG A 20 12.92 32.38 5.58
C ARG A 20 11.51 32.81 6.01
N ALA A 21 11.30 34.10 6.24
CA ALA A 21 9.97 34.57 6.65
C ALA A 21 8.93 34.38 5.55
N ALA A 22 9.35 34.59 4.30
CA ALA A 22 8.50 34.35 3.15
C ALA A 22 8.10 32.87 3.05
N LEU A 23 9.06 31.99 3.25
CA LEU A 23 8.80 30.54 3.23
C LEU A 23 7.80 30.19 4.33
N ALA A 24 8.04 30.69 5.54
CA ALA A 24 7.14 30.45 6.67
C ALA A 24 5.73 30.96 6.37
N ARG A 25 5.62 32.13 5.72
CA ARG A 25 4.32 32.71 5.42
C ARG A 25 3.59 31.89 4.37
N ALA A 26 4.33 31.40 3.38
CA ALA A 26 3.69 30.58 2.36
C ALA A 26 3.11 29.30 2.98
N ILE A 27 3.87 28.72 3.91
CA ILE A 27 3.44 27.49 4.62
C ILE A 27 2.17 27.78 5.44
N THR A 28 2.14 28.93 6.11
CA THR A 28 0.99 29.39 6.88
CA THR A 28 0.96 29.28 6.89
C THR A 28 -0.25 29.57 5.99
N LEU A 29 -0.05 30.13 4.81
CA LEU A 29 -1.17 30.36 3.89
C LEU A 29 -1.84 29.04 3.47
N ALA A 30 -1.05 27.97 3.40
CA ALA A 30 -1.54 26.65 3.03
C ALA A 30 -2.47 26.05 4.10
N GLU A 31 -2.38 26.54 5.33
CA GLU A 31 -3.25 26.05 6.42
C GLU A 31 -4.40 27.00 6.76
N SER A 32 -4.57 28.03 5.93
CA SER A 32 -5.59 29.04 6.14
C SER A 32 -6.97 28.42 6.13
N ARG A 33 -7.86 29.00 6.94
CA ARG A 33 -9.29 28.70 6.87
C ARG A 33 -9.89 29.19 5.55
N ARG A 34 -9.21 30.12 4.87
CA ARG A 34 -9.77 30.77 3.69
C ARG A 34 -9.33 30.04 2.43
N ALA A 35 -10.31 29.63 1.64
CA ALA A 35 -10.02 28.91 0.40
C ALA A 35 -9.12 29.71 -0.54
N ASP A 36 -9.31 31.03 -0.58
CA ASP A 36 -8.53 31.89 -1.49
C ASP A 36 -7.05 31.98 -1.13
N HIS A 37 -6.77 31.89 0.16
CA HIS A 37 -5.41 31.83 0.68
C HIS A 37 -4.74 30.52 0.28
N ARG A 38 -5.46 29.42 0.40
CA ARG A 38 -4.89 28.13 0.05
C ARG A 38 -4.66 28.08 -1.49
N ALA A 39 -5.58 28.68 -2.25
CA ALA A 39 -5.46 28.71 -3.71
C ALA A 39 -4.25 29.53 -4.13
N ALA A 40 -4.02 30.63 -3.43
CA ALA A 40 -2.90 31.51 -3.79
C ALA A 40 -1.58 30.77 -3.63
N VAL A 41 -1.44 29.96 -2.58
CA VAL A 41 -0.16 29.29 -2.42
CA VAL A 41 -0.20 29.20 -2.36
C VAL A 41 -0.03 28.12 -3.42
N ARG A 42 -1.15 27.50 -3.80
CA ARG A 42 -1.10 26.48 -4.86
C ARG A 42 -0.58 27.09 -6.16
N ASP A 43 -1.09 28.28 -6.51
CA ASP A 43 -0.56 29.03 -7.66
C ASP A 43 0.94 29.26 -7.49
N LEU A 44 1.34 29.74 -6.30
CA LEU A 44 2.76 30.00 -6.03
C LEU A 44 3.61 28.77 -6.27
N ILE A 45 3.18 27.62 -5.72
CA ILE A 45 3.95 26.39 -5.87
C ILE A 45 4.10 25.99 -7.34
N ASP A 46 3.00 26.04 -8.10
CA ASP A 46 3.11 25.70 -9.52
C ASP A 46 4.07 26.70 -10.21
N ALA A 47 4.00 27.97 -9.82
CA ALA A 47 4.83 29.03 -10.42
C ALA A 47 6.33 28.78 -10.18
N VAL A 48 6.66 28.22 -9.01
CA VAL A 48 8.06 27.99 -8.63
C VAL A 48 8.58 26.57 -8.91
N LEU A 49 7.73 25.74 -9.54
CA LEU A 49 8.08 24.35 -9.80
C LEU A 49 9.47 24.15 -10.43
N PRO A 50 9.85 24.98 -11.43
CA PRO A 50 11.16 24.76 -12.06
C PRO A 50 12.35 24.94 -11.11
N GLN A 51 12.12 25.61 -9.99
CA GLN A 51 13.18 25.82 -8.99
C GLN A 51 13.20 24.72 -7.93
N THR A 52 12.30 23.74 -8.05
CA THR A 52 12.25 22.65 -7.06
C THR A 52 13.03 21.44 -7.53
N GLY A 53 13.13 20.44 -6.67
CA GLY A 53 13.72 19.17 -7.05
C GLY A 53 15.23 19.03 -6.95
N ARG A 54 15.92 20.13 -6.67
CA ARG A 54 17.40 20.11 -6.54
C ARG A 54 17.77 19.92 -5.06
N ALA A 55 17.28 18.82 -4.50
CA ALA A 55 17.53 18.47 -3.12
C ALA A 55 17.58 16.96 -3.02
N ILE A 56 18.28 16.47 -2.01
CA ILE A 56 18.18 15.07 -1.63
C ILE A 56 16.99 14.94 -0.68
N ARG A 57 16.07 14.04 -0.99
CA ARG A 57 14.89 13.85 -0.16
C ARG A 57 15.02 12.50 0.55
N VAL A 58 15.11 12.54 1.87
CA VAL A 58 15.33 11.32 2.65
C VAL A 58 14.21 11.14 3.65
N GLY A 59 13.55 9.97 3.60
CA GLY A 59 12.56 9.65 4.61
C GLY A 59 13.24 8.86 5.72
N ILE A 60 12.83 9.13 6.96
CA ILE A 60 13.45 8.48 8.12
C ILE A 60 12.39 7.97 9.06
N THR A 61 12.49 6.69 9.43
CA THR A 61 11.54 6.12 10.39
C THR A 61 12.26 5.30 11.45
N GLY A 62 11.53 4.91 12.48
CA GLY A 62 12.06 4.02 13.53
C GLY A 62 11.09 4.04 14.68
N VAL A 63 10.98 2.95 15.43
CA VAL A 63 10.10 2.92 16.61
C VAL A 63 10.56 3.94 17.65
N PRO A 64 9.61 4.60 18.35
CA PRO A 64 9.98 5.50 19.47
C PRO A 64 11.03 4.90 20.42
N GLY A 65 11.95 5.74 20.90
CA GLY A 65 13.06 5.25 21.72
C GLY A 65 14.29 4.76 20.97
N VAL A 66 14.22 4.70 19.64
CA VAL A 66 15.39 4.31 18.88
C VAL A 66 16.40 5.45 18.82
N GLY A 67 15.97 6.65 19.19
CA GLY A 67 16.85 7.82 19.18
C GLY A 67 16.76 8.58 17.87
N LYS A 68 15.56 8.63 17.30
CA LYS A 68 15.33 9.31 16.04
C LYS A 68 15.65 10.81 16.10
N SER A 69 15.13 11.52 17.11
CA SER A 69 15.35 12.98 17.23
C SER A 69 16.81 13.28 17.44
N THR A 70 17.44 12.49 18.32
CA THR A 70 18.86 12.65 18.58
C THR A 70 19.71 12.46 17.31
N THR A 71 19.39 11.42 16.55
CA THR A 71 20.15 11.08 15.36
C THR A 71 19.94 12.14 14.29
N ILE A 72 18.70 12.57 14.09
CA ILE A 72 18.40 13.61 13.10
C ILE A 72 19.07 14.94 13.50
N ASP A 73 19.06 15.26 14.79
CA ASP A 73 19.72 16.48 15.25
C ASP A 73 21.20 16.42 14.91
N ALA A 74 21.82 15.27 15.16
CA ALA A 74 23.24 15.09 14.92
C ALA A 74 23.60 15.15 13.45
N LEU A 75 22.85 14.41 12.64
CA LEU A 75 23.11 14.33 11.21
C LEU A 75 22.82 15.69 10.57
N GLY A 76 21.69 16.29 10.93
CA GLY A 76 21.30 17.59 10.40
C GLY A 76 22.38 18.63 10.70
N SER A 77 22.90 18.59 11.92
CA SER A 77 23.96 19.54 12.32
C SER A 77 25.27 19.34 11.58
N LEU A 78 25.63 18.10 11.29
CA LEU A 78 26.80 17.80 10.48
C LEU A 78 26.59 18.38 9.08
N LEU A 79 25.37 18.23 8.57
CA LEU A 79 25.05 18.73 7.25
C LEU A 79 25.06 20.26 7.17
N THR A 80 24.50 20.96 8.16
CA THR A 80 24.49 22.43 8.10
C THR A 80 25.91 22.98 8.31
N ALA A 81 26.70 22.31 9.15
CA ALA A 81 28.11 22.69 9.32
C ALA A 81 28.88 22.60 7.99
N ALA A 82 28.49 21.65 7.14
CA ALA A 82 29.08 21.43 5.81
C ALA A 82 28.50 22.33 4.73
N GLY A 83 27.62 23.24 5.13
CA GLY A 83 27.10 24.29 4.26
C GLY A 83 25.77 23.96 3.62
N HIS A 84 25.17 22.84 4.02
CA HIS A 84 23.85 22.46 3.50
C HIS A 84 22.74 23.22 4.21
N LYS A 85 21.60 23.35 3.54
CA LYS A 85 20.42 23.92 4.15
C LYS A 85 19.39 22.78 4.29
N VAL A 86 19.00 22.52 5.52
CA VAL A 86 18.34 21.26 5.86
C VAL A 86 16.94 21.52 6.40
N ALA A 87 15.93 20.97 5.71
CA ALA A 87 14.57 21.02 6.19
C ALA A 87 14.21 19.70 6.87
N VAL A 88 13.49 19.79 7.98
CA VAL A 88 13.01 18.57 8.68
C VAL A 88 11.49 18.67 8.81
N LEU A 89 10.78 17.78 8.11
CA LEU A 89 9.32 17.82 8.08
C LEU A 89 8.75 16.56 8.71
N ALA A 90 7.82 16.71 9.64
CA ALA A 90 7.24 15.55 10.30
C ALA A 90 5.96 15.11 9.59
N VAL A 91 5.69 13.81 9.58
CA VAL A 91 4.41 13.27 9.11
C VAL A 91 3.85 12.36 10.20
N ASP A 92 2.65 12.68 10.68
CA ASP A 92 2.05 11.96 11.81
C ASP A 92 0.56 11.83 11.50
N PRO A 93 0.07 10.59 11.41
CA PRO A 93 -1.34 10.39 11.02
C PRO A 93 -2.28 11.04 12.05
N SER A 94 -1.78 11.31 13.26
CA SER A 94 -2.63 11.95 14.28
C SER A 94 -2.97 13.43 14.02
N SER A 95 -2.26 14.06 13.08
CA SER A 95 -2.61 15.45 12.68
C SER A 95 -3.93 15.52 11.89
N THR A 96 -4.51 14.35 11.59
CA THR A 96 -5.90 14.23 11.13
C THR A 96 -6.90 14.38 12.29
N ARG A 97 -6.40 14.37 13.52
CA ARG A 97 -7.26 14.38 14.71
C ARG A 97 -6.99 15.50 15.73
N THR A 98 -6.11 16.44 15.37
CA THR A 98 -5.64 17.45 16.35
C THR A 98 -5.76 18.92 15.94
N GLY A 99 -5.95 19.18 14.65
CA GLY A 99 -5.92 20.55 14.15
C GLY A 99 -4.50 21.02 13.86
N GLY A 100 -3.54 20.10 13.97
CA GLY A 100 -2.12 20.41 13.76
C GLY A 100 -1.47 20.95 15.02
N SER A 101 -0.22 21.41 14.86
CA SER A 101 0.59 21.88 15.98
C SER A 101 0.71 23.41 15.93
N ILE A 102 0.28 24.05 17.00
CA ILE A 102 0.26 25.51 17.01
C ILE A 102 1.65 26.15 16.93
N LEU A 103 2.64 25.54 17.59
CA LEU A 103 4.00 26.06 17.64
C LEU A 103 5.05 25.04 17.23
N GLY A 104 4.61 23.83 16.88
CA GLY A 104 5.52 22.77 16.47
C GLY A 104 6.20 22.17 17.68
N ASP A 105 7.25 21.40 17.44
CA ASP A 105 8.01 20.75 18.49
C ASP A 105 9.49 20.68 18.09
N LYS A 106 10.04 21.80 17.62
CA LYS A 106 11.41 21.78 17.09
C LYS A 106 12.49 21.54 18.14
N THR A 107 12.17 21.86 19.40
CA THR A 107 13.13 21.72 20.50
C THR A 107 13.52 20.27 20.81
N ARG A 108 12.81 19.29 20.24
CA ARG A 108 13.21 17.89 20.34
C ARG A 108 14.56 17.65 19.62
N MSE A 109 14.92 18.58 18.73
CA MSE A 109 16.23 18.59 18.10
C MSE A 109 16.91 19.89 18.53
O MSE A 109 16.76 20.95 17.90
CB MSE A 109 16.07 18.47 16.59
CG MSE A 109 15.44 17.13 16.19
SE MSE A 109 14.87 17.14 14.35
CE MSE A 109 13.35 18.31 14.55
N ALA A 110 17.64 19.80 19.64
CA ALA A 110 18.09 21.00 20.37
C ALA A 110 18.99 21.89 19.54
N ARG A 111 19.93 21.29 18.81
CA ARG A 111 20.88 22.07 18.00
C ARG A 111 20.17 22.66 16.77
N LEU A 112 19.42 21.82 16.05
CA LEU A 112 18.78 22.28 14.83
C LEU A 112 17.73 23.34 15.12
N ALA A 113 17.12 23.27 16.30
CA ALA A 113 16.05 24.18 16.69
C ALA A 113 16.45 25.67 16.67
N ILE A 114 17.73 25.95 16.91
CA ILE A 114 18.23 27.32 16.94
C ILE A 114 19.14 27.63 15.74
N ASP A 115 19.19 26.71 14.78
CA ASP A 115 20.05 26.84 13.61
C ASP A 115 19.27 27.40 12.42
N ARG A 116 19.60 28.61 11.95
CA ARG A 116 18.86 29.19 10.85
C ARG A 116 19.18 28.53 9.52
N ASN A 117 20.22 27.70 9.49
CA ASN A 117 20.47 26.87 8.31
C ASN A 117 19.54 25.66 8.22
N ALA A 118 18.74 25.45 9.26
CA ALA A 118 17.68 24.42 9.25
C ALA A 118 16.29 25.02 9.36
N PHE A 119 15.30 24.23 8.99
CA PHE A 119 13.91 24.67 8.96
C PHE A 119 13.06 23.47 9.34
N ILE A 120 12.41 23.54 10.50
CA ILE A 120 11.68 22.40 11.09
C ILE A 120 10.18 22.69 11.13
N ARG A 121 9.36 21.77 10.61
CA ARG A 121 7.91 21.94 10.64
C ARG A 121 7.19 20.66 11.05
N PRO A 122 6.09 20.81 11.82
CA PRO A 122 5.32 19.69 12.30
C PRO A 122 4.36 19.14 11.23
N SER A 123 3.70 18.03 11.54
CA SER A 123 2.83 17.37 10.57
C SER A 123 1.62 18.26 10.30
N PRO A 124 1.27 18.49 9.02
CA PRO A 124 0.13 19.39 8.76
C PRO A 124 -1.25 18.74 8.99
N SER A 125 -2.24 19.57 9.31
CA SER A 125 -3.60 19.07 9.52
C SER A 125 -4.29 18.79 8.17
N SER A 126 -5.02 17.68 8.09
CA SER A 126 -5.86 17.34 6.93
C SER A 126 -6.90 16.31 7.35
N GLY A 127 -7.83 16.01 6.45
CA GLY A 127 -8.86 15.02 6.76
C GLY A 127 -8.44 13.57 6.68
N THR A 128 -7.44 13.27 5.84
CA THR A 128 -7.03 11.91 5.49
C THR A 128 -5.50 11.86 5.53
N LEU A 129 -4.93 10.67 5.73
CA LEU A 129 -3.47 10.55 5.69
C LEU A 129 -2.93 10.97 4.33
N GLY A 130 -3.62 10.57 3.27
CA GLY A 130 -3.28 11.02 1.90
C GLY A 130 -3.20 12.53 1.82
N GLY A 131 -4.17 13.21 2.45
CA GLY A 131 -4.20 14.67 2.54
C GLY A 131 -3.00 15.26 3.29
N VAL A 132 -2.66 14.66 4.43
CA VAL A 132 -1.50 15.10 5.21
C VAL A 132 -0.23 14.94 4.38
N ALA A 133 -0.08 13.78 3.75
CA ALA A 133 1.10 13.52 2.93
C ALA A 133 1.14 14.44 1.69
N ALA A 134 0.00 14.67 1.04
CA ALA A 134 -0.03 15.60 -0.11
C ALA A 134 0.40 17.00 0.32
N LYS A 135 -0.06 17.45 1.48
CA LYS A 135 0.32 18.77 1.98
C LYS A 135 1.82 18.82 2.32
N THR A 136 2.35 17.73 2.85
CA THR A 136 3.78 17.64 3.12
C THR A 136 4.55 17.78 1.82
N ARG A 137 4.07 17.14 0.75
CA ARG A 137 4.72 17.30 -0.57
C ARG A 137 4.76 18.78 -1.00
N GLU A 138 3.66 19.48 -0.77
CA GLU A 138 3.61 20.94 -1.07
C GLU A 138 4.65 21.68 -0.26
N THR A 139 4.75 21.35 1.02
CA THR A 139 5.73 22.01 1.87
C THR A 139 7.16 21.73 1.41
N MSE A 140 7.41 20.48 1.03
CA MSE A 140 8.72 20.09 0.48
C MSE A 140 9.08 20.94 -0.73
O MSE A 140 10.21 21.44 -0.83
CB MSE A 140 8.71 18.61 0.08
CG MSE A 140 8.60 17.65 1.27
SE MSE A 140 8.45 15.82 0.58
CE MSE A 140 10.01 15.99 -0.47
N LEU A 141 8.14 21.11 -1.65
CA LEU A 141 8.39 21.93 -2.83
C LEU A 141 8.71 23.38 -2.45
N LEU A 142 7.98 23.93 -1.49
CA LEU A 142 8.25 25.31 -1.05
C LEU A 142 9.65 25.43 -0.46
N CYS A 143 10.04 24.45 0.37
CA CYS A 143 11.39 24.47 0.97
C CYS A 143 12.46 24.40 -0.11
N GLU A 144 12.26 23.54 -1.11
CA GLU A 144 13.25 23.37 -2.18
C GLU A 144 13.37 24.66 -3.01
N ALA A 145 12.24 25.28 -3.34
CA ALA A 145 12.27 26.56 -4.08
C ALA A 145 12.99 27.64 -3.27
N ALA A 146 12.91 27.57 -1.95
CA ALA A 146 13.56 28.56 -1.08
C ALA A 146 15.05 28.27 -0.87
N GLY A 147 15.55 27.18 -1.47
CA GLY A 147 17.00 26.88 -1.44
C GLY A 147 17.44 25.79 -0.47
N PHE A 148 16.49 25.09 0.14
CA PHE A 148 16.87 23.95 0.97
C PHE A 148 17.29 22.79 0.10
N ASP A 149 18.48 22.26 0.31
CA ASP A 149 19.01 21.19 -0.55
C ASP A 149 19.01 19.79 0.08
N VAL A 150 18.63 19.71 1.35
CA VAL A 150 18.39 18.42 1.98
C VAL A 150 17.01 18.49 2.62
N ILE A 151 16.13 17.55 2.29
CA ILE A 151 14.81 17.53 2.90
C ILE A 151 14.67 16.20 3.63
N LEU A 152 14.64 16.26 4.95
CA LEU A 152 14.42 15.06 5.78
C LEU A 152 12.95 14.99 6.19
N VAL A 153 12.32 13.85 5.90
CA VAL A 153 10.92 13.70 6.24
C VAL A 153 10.82 12.56 7.24
N GLU A 154 10.29 12.85 8.43
CA GLU A 154 10.35 11.89 9.54
C GLU A 154 8.96 11.41 9.91
N THR A 155 8.81 10.10 10.14
CA THR A 155 7.56 9.58 10.66
C THR A 155 7.56 9.92 12.15
N VAL A 156 6.43 10.39 12.64
CA VAL A 156 6.29 10.81 14.03
C VAL A 156 5.00 10.18 14.54
N GLY A 157 4.96 9.78 15.81
CA GLY A 157 3.76 9.13 16.33
C GLY A 157 3.77 7.63 16.08
N VAL A 158 2.72 6.95 16.55
CA VAL A 158 2.65 5.48 16.48
C VAL A 158 1.97 4.89 15.23
N GLY A 159 1.17 5.71 14.54
CA GLY A 159 0.31 5.26 13.43
C GLY A 159 1.03 4.87 12.14
N GLN A 160 0.25 4.57 11.10
CA GLN A 160 0.78 4.00 9.85
C GLN A 160 1.20 5.04 8.81
N SER A 161 2.37 5.63 8.99
CA SER A 161 2.82 6.68 8.07
C SER A 161 4.02 6.29 7.23
N GLU A 162 4.53 5.06 7.40
CA GLU A 162 5.80 4.70 6.80
C GLU A 162 5.75 4.65 5.27
N THR A 163 4.71 4.02 4.74
CA THR A 163 4.55 3.97 3.30
C THR A 163 4.40 5.35 2.70
N ALA A 164 3.64 6.22 3.37
CA ALA A 164 3.45 7.60 2.87
C ALA A 164 4.80 8.34 2.81
N VAL A 165 5.61 8.20 3.85
CA VAL A 165 6.92 8.88 3.88
C VAL A 165 7.87 8.29 2.81
N ALA A 166 7.87 6.97 2.64
CA ALA A 166 8.64 6.35 1.54
C ALA A 166 8.20 6.95 0.21
N ASP A 167 6.88 7.17 0.05
CA ASP A 167 6.35 7.68 -1.22
C ASP A 167 6.47 9.20 -1.37
N LEU A 168 7.04 9.86 -0.34
CA LEU A 168 7.32 11.31 -0.38
C LEU A 168 8.80 11.62 -0.68
N THR A 169 9.64 10.60 -0.66
CA THR A 169 11.11 10.79 -0.64
C THR A 169 11.84 9.89 -1.64
N ASP A 170 13.14 10.12 -1.81
CA ASP A 170 13.98 9.38 -2.76
C ASP A 170 14.62 8.16 -2.13
N PHE A 171 14.81 8.23 -0.81
CA PHE A 171 15.61 7.26 -0.06
C PHE A 171 14.93 7.06 1.27
N PHE A 172 14.75 5.81 1.68
CA PHE A 172 14.03 5.54 2.92
C PHE A 172 14.97 4.83 3.91
N LEU A 173 15.25 5.52 5.00
CA LEU A 173 16.16 5.06 6.05
C LEU A 173 15.38 4.57 7.27
N VAL A 174 15.69 3.34 7.72
CA VAL A 174 15.01 2.76 8.85
C VAL A 174 16.00 2.61 10.00
N LEU A 175 15.71 3.25 11.13
CA LEU A 175 16.55 3.15 12.32
C LEU A 175 16.01 2.06 13.22
N MSE A 176 16.90 1.13 13.61
CA MSE A 176 16.53 -0.02 14.45
C MSE A 176 17.34 -0.02 15.73
O MSE A 176 18.46 0.47 15.75
CB MSE A 176 16.77 -1.36 13.74
CG MSE A 176 16.60 -1.41 12.21
SE MSE A 176 15.40 -2.87 11.64
CE MSE A 176 14.03 -1.94 12.66
N LEU A 177 16.78 -0.59 16.80
CA LEU A 177 17.53 -0.80 18.03
C LEU A 177 18.33 -2.11 17.97
N PRO A 178 19.42 -2.23 18.76
CA PRO A 178 20.14 -3.50 18.83
C PRO A 178 19.33 -4.63 19.46
N GLY A 179 18.15 -4.35 20.00
CA GLY A 179 17.30 -5.44 20.42
C GLY A 179 15.97 -5.15 21.05
N ALA A 180 15.80 -5.63 22.29
CA ALA A 180 14.66 -5.33 23.16
C ALA A 180 13.30 -5.55 22.47
N ILE A 187 8.85 -3.89 15.56
CA ILE A 187 8.88 -3.47 14.16
C ILE A 187 7.72 -4.02 13.32
N LYS A 188 6.94 -3.10 12.72
CA LYS A 188 5.84 -3.45 11.80
C LYS A 188 6.44 -4.07 10.55
N LYS A 189 6.00 -5.28 10.24
CA LYS A 189 6.77 -6.15 9.34
C LYS A 189 7.07 -5.58 7.93
N GLY A 190 6.16 -4.74 7.42
CA GLY A 190 6.35 -4.11 6.09
C GLY A 190 7.51 -3.14 5.95
N ILE A 191 8.08 -2.73 7.09
CA ILE A 191 9.14 -1.72 7.07
CA ILE A 191 9.12 -1.71 7.07
C ILE A 191 10.41 -2.22 6.39
N PHE A 192 10.75 -3.50 6.56
CA PHE A 192 11.99 -4.00 5.93
C PHE A 192 12.01 -3.82 4.41
N GLU A 193 10.86 -4.05 3.77
CA GLU A 193 10.77 -3.92 2.31
C GLU A 193 10.67 -2.49 1.81
N LEU A 194 10.45 -1.55 2.72
CA LEU A 194 10.53 -0.13 2.33
C LEU A 194 11.97 0.38 2.42
N ALA A 195 12.83 -0.35 3.14
CA ALA A 195 14.13 0.22 3.49
C ALA A 195 15.10 0.26 2.31
N ASP A 196 15.71 1.42 2.09
CA ASP A 196 16.90 1.51 1.22
C ASP A 196 18.20 1.34 2.03
N MSE A 197 18.06 1.39 3.34
CA MSE A 197 19.17 1.17 4.27
C MSE A 197 18.58 1.00 5.66
O MSE A 197 17.59 1.65 6.00
CB MSE A 197 20.18 2.35 4.30
CG MSE A 197 21.26 2.17 5.36
SE MSE A 197 22.83 3.33 5.00
CE MSE A 197 21.97 5.07 4.80
N ILE A 198 19.17 0.10 6.43
CA ILE A 198 18.88 0.00 7.85
C ILE A 198 20.09 0.44 8.65
N ALA A 199 19.87 1.30 9.65
CA ALA A 199 20.94 1.68 10.58
C ALA A 199 20.57 1.24 11.98
N VAL A 200 21.41 0.39 12.60
CA VAL A 200 21.18 -0.02 13.96
C VAL A 200 21.83 1.02 14.88
N ASN A 201 21.03 1.71 15.67
CA ASN A 201 21.53 2.84 16.45
C ASN A 201 21.85 2.41 17.87
N LYS A 202 22.98 2.89 18.39
CA LYS A 202 23.29 2.72 19.81
C LYS A 202 22.61 3.84 20.62
N ALA A 203 21.66 3.48 21.48
CA ALA A 203 20.77 4.43 22.20
C ALA A 203 21.39 5.07 23.42
N ASP A 204 22.20 4.29 24.12
CA ASP A 204 22.71 4.71 25.43
C ASP A 204 23.93 3.86 25.77
N ASP A 205 24.41 4.00 27.01
CA ASP A 205 25.62 3.29 27.47
C ASP A 205 25.47 1.77 27.51
N GLY A 206 24.23 1.29 27.43
CA GLY A 206 24.00 -0.16 27.34
C GLY A 206 24.21 -0.75 25.96
N ASP A 207 24.36 0.11 24.94
CA ASP A 207 24.56 -0.32 23.55
C ASP A 207 25.94 0.02 23.03
N GLY A 208 26.71 -1.01 22.72
CA GLY A 208 28.01 -0.82 22.10
C GLY A 208 28.08 -1.57 20.79
N GLU A 209 29.28 -1.70 20.27
CA GLU A 209 29.47 -2.30 18.96
C GLU A 209 29.08 -3.78 18.93
N ARG A 210 29.22 -4.49 20.05
CA ARG A 210 28.84 -5.91 20.10
C ARG A 210 27.36 -6.11 19.83
N ARG A 211 26.53 -5.43 20.61
CA ARG A 211 25.06 -5.51 20.47
C ARG A 211 24.64 -4.97 19.09
N ALA A 212 25.18 -3.82 18.71
CA ALA A 212 24.81 -3.19 17.42
C ALA A 212 25.18 -4.04 16.22
N SER A 213 26.43 -4.51 16.19
CA SER A 213 26.91 -5.33 15.09
CA SER A 213 26.91 -5.32 15.08
C SER A 213 26.17 -6.67 15.02
N ALA A 214 25.87 -7.24 16.19
CA ALA A 214 25.12 -8.51 16.27
C ALA A 214 23.74 -8.37 15.61
N ALA A 215 23.02 -7.30 15.94
CA ALA A 215 21.72 -7.06 15.31
C ALA A 215 21.87 -6.75 13.82
N ALA A 216 22.87 -5.94 13.45
CA ALA A 216 23.13 -5.63 12.03
C ALA A 216 23.35 -6.89 11.20
N SER A 217 24.11 -7.84 11.75
CA SER A 217 24.41 -9.07 11.02
C SER A 217 23.16 -9.90 10.77
N GLU A 218 22.26 -9.93 11.75
CA GLU A 218 21.00 -10.64 11.61
C GLU A 218 20.17 -9.99 10.50
N TYR A 219 20.04 -8.67 10.55
CA TYR A 219 19.27 -7.96 9.51
C TYR A 219 19.88 -8.11 8.13
N ARG A 220 21.21 -8.07 8.06
CA ARG A 220 21.94 -8.21 6.82
C ARG A 220 21.66 -9.58 6.20
N ALA A 221 21.74 -10.63 7.04
CA ALA A 221 21.48 -11.99 6.60
C ALA A 221 20.07 -12.17 6.07
N ALA A 222 19.09 -11.65 6.80
CA ALA A 222 17.68 -11.75 6.40
C ALA A 222 17.42 -11.02 5.09
N LEU A 223 17.94 -9.78 4.97
CA LEU A 223 17.73 -8.98 3.75
C LEU A 223 18.21 -9.70 2.48
N HIS A 224 19.11 -10.66 2.64
CA HIS A 224 19.58 -11.46 1.50
C HIS A 224 18.48 -12.28 0.80
N ILE A 225 17.39 -12.63 1.49
CA ILE A 225 16.28 -13.36 0.83
C ILE A 225 15.30 -12.45 0.09
N LEU A 226 15.42 -11.15 0.33
CA LEU A 226 14.54 -10.17 -0.29
C LEU A 226 15.23 -9.60 -1.52
N THR A 227 14.52 -9.60 -2.64
CA THR A 227 15.08 -9.08 -3.87
C THR A 227 15.02 -7.55 -3.87
N PRO A 228 16.19 -6.87 -3.97
CA PRO A 228 16.16 -5.41 -4.09
C PRO A 228 15.31 -4.98 -5.31
N PRO A 229 14.51 -3.92 -5.17
CA PRO A 229 13.64 -3.50 -6.29
C PRO A 229 14.39 -2.92 -7.50
N SER A 230 15.63 -2.47 -7.28
CA SER A 230 16.47 -1.93 -8.35
C SER A 230 17.80 -2.66 -8.34
N ALA A 231 18.22 -3.13 -9.52
CA ALA A 231 19.54 -3.74 -9.66
C ALA A 231 20.66 -2.73 -9.35
N THR A 232 20.31 -1.43 -9.34
CA THR A 232 21.27 -0.34 -9.14
C THR A 232 21.67 -0.16 -7.67
N TRP A 233 20.86 -0.70 -6.75
CA TRP A 233 21.06 -0.48 -5.32
C TRP A 233 20.69 -1.69 -4.50
N THR A 234 21.61 -2.16 -3.67
CA THR A 234 21.36 -3.23 -2.71
C THR A 234 21.41 -2.63 -1.30
N PRO A 235 20.26 -2.58 -0.59
CA PRO A 235 20.19 -1.93 0.74
C PRO A 235 21.26 -2.42 1.74
N PRO A 236 22.10 -1.50 2.23
CA PRO A 236 23.06 -1.86 3.27
C PRO A 236 22.49 -1.81 4.68
N VAL A 237 23.15 -2.52 5.59
CA VAL A 237 22.88 -2.44 7.01
C VAL A 237 24.15 -1.96 7.68
N VAL A 238 23.99 -0.89 8.46
CA VAL A 238 25.11 -0.23 9.14
C VAL A 238 24.83 -0.02 10.63
N THR A 239 25.88 0.35 11.37
CA THR A 239 25.69 0.75 12.76
C THR A 239 26.07 2.21 12.93
N ILE A 240 25.42 2.86 13.88
CA ILE A 240 25.67 4.29 14.16
C ILE A 240 25.48 4.55 15.63
N SER A 241 25.91 5.72 16.09
CA SER A 241 25.47 6.27 17.36
C SER A 241 25.04 7.72 17.14
N GLY A 242 23.72 7.96 17.17
CA GLY A 242 23.22 9.34 17.08
C GLY A 242 23.73 10.18 18.25
N LEU A 243 23.64 9.62 19.44
CA LEU A 243 24.09 10.26 20.68
C LEU A 243 25.53 10.81 20.59
N HIS A 244 26.45 10.01 20.07
CA HIS A 244 27.86 10.37 20.00
C HIS A 244 28.34 10.87 18.63
N GLY A 245 27.42 10.94 17.67
CA GLY A 245 27.71 11.34 16.31
C GLY A 245 28.72 10.47 15.60
N LYS A 246 28.57 9.16 15.74
CA LYS A 246 29.50 8.21 15.12
C LYS A 246 28.82 7.46 13.98
N GLY A 247 29.54 7.28 12.88
CA GLY A 247 29.04 6.54 11.71
C GLY A 247 28.09 7.33 10.82
N LEU A 248 27.87 8.60 11.16
CA LEU A 248 26.90 9.43 10.42
C LEU A 248 27.43 9.96 9.08
N ASP A 249 28.73 10.29 9.04
CA ASP A 249 29.35 10.70 7.78
C ASP A 249 29.32 9.55 6.77
N SER A 250 29.59 8.35 7.27
CA SER A 250 29.57 7.17 6.43
C SER A 250 28.15 6.89 5.94
N LEU A 251 27.19 7.00 6.85
CA LEU A 251 25.77 6.83 6.53
C LEU A 251 25.37 7.79 5.41
N TRP A 252 25.72 9.06 5.56
CA TRP A 252 25.39 10.06 4.55
C TRP A 252 26.04 9.77 3.19
N SER A 253 27.31 9.36 3.21
CA SER A 253 28.00 9.01 1.97
CA SER A 253 28.02 8.97 1.99
C SER A 253 27.26 7.94 1.19
N ARG A 254 26.64 6.98 1.89
CA ARG A 254 25.87 5.93 1.24
C ARG A 254 24.62 6.50 0.55
N ILE A 255 23.94 7.43 1.23
CA ILE A 255 22.78 8.13 0.65
C ILE A 255 23.16 8.96 -0.59
N GLU A 256 24.31 9.63 -0.53
CA GLU A 256 24.84 10.36 -1.68
C GLU A 256 25.20 9.43 -2.84
N ASP A 257 25.72 8.25 -2.51
CA ASP A 257 26.08 7.26 -3.54
C ASP A 257 24.80 6.79 -4.23
N HIS A 258 23.76 6.52 -3.45
CA HIS A 258 22.46 6.14 -4.01
C HIS A 258 21.95 7.23 -4.94
N ARG A 259 22.04 8.49 -4.51
CA ARG A 259 21.59 9.59 -5.34
C ARG A 259 22.35 9.65 -6.65
N SER A 260 23.69 9.57 -6.58
CA SER A 260 24.53 9.63 -7.77
CA SER A 260 24.52 9.64 -7.78
C SER A 260 24.18 8.52 -8.76
N LYS A 261 24.11 7.30 -8.24
CA LYS A 261 23.87 6.12 -9.06
C LYS A 261 22.49 6.12 -9.70
N LEU A 262 21.47 6.44 -8.91
CA LEU A 262 20.10 6.36 -9.43
C LEU A 262 19.70 7.60 -10.22
N THR A 263 20.47 8.69 -10.09
CA THR A 263 20.27 9.82 -10.98
C THR A 263 20.80 9.45 -12.38
N ALA A 264 21.98 8.83 -12.43
CA ALA A 264 22.59 8.45 -13.72
C ALA A 264 21.68 7.53 -14.55
N THR A 265 20.94 6.65 -13.87
CA THR A 265 20.01 5.71 -14.51
C THR A 265 18.62 6.29 -14.79
N GLY A 266 18.36 7.48 -14.26
CA GLY A 266 17.06 8.13 -14.43
C GLY A 266 16.05 7.64 -13.42
N GLU A 267 16.47 6.76 -12.50
CA GLU A 267 15.55 6.12 -11.56
C GLU A 267 15.02 7.07 -10.48
N ILE A 268 15.83 8.03 -10.03
CA ILE A 268 15.32 9.07 -9.09
C ILE A 268 14.14 9.82 -9.71
N ALA A 269 14.33 10.32 -10.93
CA ALA A 269 13.25 11.06 -11.65
C ALA A 269 12.03 10.16 -11.87
N GLY A 270 12.26 8.91 -12.28
CA GLY A 270 11.19 7.94 -12.55
C GLY A 270 10.33 7.74 -11.31
N LYS A 271 10.98 7.52 -10.17
CA LYS A 271 10.23 7.33 -8.93
C LYS A 271 9.46 8.60 -8.57
N ARG A 272 10.10 9.77 -8.72
CA ARG A 272 9.44 11.04 -8.36
C ARG A 272 8.19 11.30 -9.20
N ARG A 273 8.23 10.90 -10.47
CA ARG A 273 7.06 11.18 -11.33
C ARG A 273 5.87 10.28 -10.94
N GLU A 274 6.16 9.04 -10.54
CA GLU A 274 5.13 8.14 -10.02
C GLU A 274 4.54 8.67 -8.72
N GLN A 275 5.40 9.17 -7.85
CA GLN A 275 4.94 9.79 -6.61
C GLN A 275 4.07 11.01 -6.88
N ASP A 276 4.49 11.85 -7.83
CA ASP A 276 3.76 13.07 -8.13
C ASP A 276 2.30 12.76 -8.55
N VAL A 277 2.12 11.74 -9.38
CA VAL A 277 0.77 11.38 -9.81
C VAL A 277 -0.02 10.83 -8.61
N LYS A 278 0.64 10.03 -7.76
CA LYS A 278 -0.01 9.60 -6.51
C LYS A 278 -0.51 10.77 -5.65
N TRP A 279 0.34 11.77 -5.44
CA TRP A 279 -0.06 12.89 -4.60
C TRP A 279 -1.14 13.78 -5.24
N MSE A 280 -1.15 13.84 -6.59
CA MSE A 280 -2.25 14.48 -7.32
C MSE A 280 -3.58 13.80 -6.93
O MSE A 280 -4.52 14.46 -6.49
CB MSE A 280 -2.07 14.32 -8.84
CG MSE A 280 -3.27 14.82 -9.62
SE MSE A 280 -2.94 14.60 -11.54
CE MSE A 280 -3.70 12.85 -11.69
N TRP A 281 -3.63 12.50 -7.08
CA TRP A 281 -4.90 11.79 -6.79
C TRP A 281 -5.21 11.80 -5.32
N ALA A 282 -4.19 11.87 -4.47
CA ALA A 282 -4.43 11.94 -3.01
C ALA A 282 -5.21 13.21 -2.65
N LEU A 283 -4.86 14.32 -3.29
CA LEU A 283 -5.59 15.57 -3.08
C LEU A 283 -7.02 15.48 -3.64
N VAL A 284 -7.16 14.90 -4.84
CA VAL A 284 -8.54 14.67 -5.38
C VAL A 284 -9.39 13.88 -4.35
N HIS A 285 -8.79 12.84 -3.80
CA HIS A 285 -9.51 11.99 -2.83
C HIS A 285 -9.78 12.65 -1.49
N GLU A 286 -8.86 13.49 -1.03
CA GLU A 286 -9.08 14.27 0.20
C GLU A 286 -10.25 15.23 0.03
N ARG A 287 -10.32 15.85 -1.15
CA ARG A 287 -11.39 16.79 -1.45
C ARG A 287 -12.75 16.06 -1.51
N LEU A 288 -12.75 14.85 -2.05
CA LEU A 288 -13.95 14.00 -2.03
C LEU A 288 -14.35 13.71 -0.60
N HIS A 289 -13.37 13.37 0.24
CA HIS A 289 -13.65 13.07 1.65
C HIS A 289 -14.25 14.30 2.33
N GLN A 290 -13.68 15.46 2.06
CA GLN A 290 -14.17 16.70 2.64
C GLN A 290 -15.63 16.95 2.28
N ARG A 291 -16.00 16.62 1.04
CA ARG A 291 -17.41 16.71 0.63
C ARG A 291 -18.30 15.74 1.41
N LEU A 292 -17.78 14.53 1.65
CA LEU A 292 -18.57 13.50 2.34
C LEU A 292 -18.69 13.71 3.85
N VAL A 293 -17.97 14.70 4.37
CA VAL A 293 -18.07 15.11 5.80
C VAL A 293 -18.37 16.62 5.95
N GLY A 294 -18.86 17.23 4.89
CA GLY A 294 -19.00 18.69 4.84
C GLY A 294 -20.16 19.24 5.63
N SER A 295 -21.03 18.35 6.11
CA SER A 295 -22.11 18.70 7.00
C SER A 295 -22.35 17.55 7.97
N ALA A 296 -23.01 17.80 9.10
CA ALA A 296 -23.29 16.73 10.07
C ALA A 296 -24.12 15.59 9.46
N GLU A 297 -25.11 15.97 8.66
CA GLU A 297 -25.99 15.00 8.01
C GLU A 297 -25.25 14.11 7.02
N VAL A 298 -24.37 14.70 6.23
CA VAL A 298 -23.63 13.89 5.24
C VAL A 298 -22.58 13.03 5.95
N ARG A 299 -21.89 13.57 6.95
CA ARG A 299 -20.95 12.77 7.72
C ARG A 299 -21.66 11.57 8.34
N GLN A 300 -22.82 11.82 8.94
CA GLN A 300 -23.57 10.75 9.60
C GLN A 300 -23.89 9.62 8.61
N ALA A 301 -24.34 10.01 7.44
CA ALA A 301 -24.75 9.05 6.39
C ALA A 301 -23.54 8.27 5.88
N THR A 302 -22.44 8.98 5.62
CA THR A 302 -21.19 8.33 5.17
C THR A 302 -20.71 7.31 6.20
N ALA A 303 -20.74 7.70 7.48
CA ALA A 303 -20.27 6.85 8.57
C ALA A 303 -21.14 5.59 8.68
N GLU A 304 -22.44 5.76 8.45
CA GLU A 304 -23.37 4.63 8.54
C GLU A 304 -23.21 3.65 7.35
N ALA A 305 -22.98 4.17 6.14
CA ALA A 305 -22.66 3.29 4.99
C ALA A 305 -21.43 2.44 5.33
N GLU A 306 -20.39 3.11 5.83
CA GLU A 306 -19.15 2.43 6.17
C GLU A 306 -19.40 1.39 7.26
N ARG A 307 -20.14 1.79 8.29
CA ARG A 307 -20.48 0.85 9.39
C ARG A 307 -21.25 -0.38 8.91
N ALA A 308 -22.24 -0.17 8.04
CA ALA A 308 -23.05 -1.26 7.48
C ALA A 308 -22.14 -2.23 6.72
N VAL A 309 -21.17 -1.68 5.98
CA VAL A 309 -20.22 -2.54 5.27
C VAL A 309 -19.29 -3.28 6.22
N ALA A 310 -18.75 -2.56 7.20
CA ALA A 310 -17.85 -3.15 8.18
C ALA A 310 -18.55 -4.31 8.91
N GLY A 311 -19.83 -4.10 9.16
CA GLY A 311 -20.64 -5.07 9.89
C GLY A 311 -21.21 -6.21 9.08
N GLY A 312 -20.87 -6.29 7.79
CA GLY A 312 -21.41 -7.37 6.94
C GLY A 312 -22.92 -7.33 6.74
N GLU A 313 -23.50 -6.14 6.82
CA GLU A 313 -24.93 -5.96 6.65
C GLU A 313 -25.31 -5.56 5.22
N HIS A 314 -24.40 -4.87 4.53
CA HIS A 314 -24.52 -4.62 3.10
C HIS A 314 -23.12 -4.79 2.51
N SER A 315 -23.05 -5.22 1.25
CA SER A 315 -21.74 -5.56 0.70
C SER A 315 -20.96 -4.28 0.35
N PRO A 316 -19.65 -4.41 0.14
CA PRO A 316 -18.87 -3.20 -0.21
C PRO A 316 -19.48 -2.42 -1.39
N ALA A 317 -19.96 -3.11 -2.44
CA ALA A 317 -20.54 -2.41 -3.60
C ALA A 317 -21.84 -1.67 -3.24
N ALA A 318 -22.65 -2.27 -2.36
CA ALA A 318 -23.86 -1.59 -1.89
C ALA A 318 -23.51 -0.36 -1.06
N GLY A 319 -22.46 -0.44 -0.24
CA GLY A 319 -22.01 0.76 0.49
C GLY A 319 -21.54 1.83 -0.46
N ALA A 320 -20.76 1.44 -1.46
CA ALA A 320 -20.25 2.42 -2.39
C ALA A 320 -21.39 3.11 -3.16
N ASP A 321 -22.42 2.34 -3.53
CA ASP A 321 -23.59 2.92 -4.20
C ASP A 321 -24.32 3.91 -3.29
N ALA A 322 -24.42 3.58 -1.99
CA ALA A 322 -25.02 4.48 -1.00
C ALA A 322 -24.25 5.81 -0.95
N ILE A 323 -22.92 5.73 -0.89
CA ILE A 323 -22.07 6.91 -0.94
C ILE A 323 -22.32 7.71 -2.23
N ALA A 324 -22.43 7.00 -3.35
CA ALA A 324 -22.70 7.65 -4.64
C ALA A 324 -23.98 8.49 -4.59
N THR A 325 -25.02 7.99 -3.94
CA THR A 325 -26.28 8.75 -3.86
C THR A 325 -26.08 10.03 -3.08
N LEU A 326 -25.20 10.00 -2.07
CA LEU A 326 -24.95 11.18 -1.25
C LEU A 326 -24.30 12.28 -2.06
N ILE A 327 -23.35 11.87 -2.92
CA ILE A 327 -22.61 12.78 -3.80
C ILE A 327 -23.58 13.42 -4.82
N GLY A 328 -24.46 12.60 -5.38
CA GLY A 328 -25.54 13.08 -6.27
C GLY A 328 -26.49 14.08 -5.62
N LEU A 329 -26.86 13.81 -4.37
CA LEU A 329 -27.68 14.74 -3.58
C LEU A 329 -26.93 16.05 -3.35
N PRO B 6 -34.96 -11.10 -15.55
CA PRO B 6 -35.50 -12.27 -14.85
C PRO B 6 -35.73 -12.02 -13.36
N ASP B 7 -36.45 -12.93 -12.72
CA ASP B 7 -36.88 -12.80 -11.33
C ASP B 7 -35.73 -13.01 -10.36
N MSE B 8 -35.40 -11.94 -9.63
CA MSE B 8 -34.26 -11.95 -8.72
C MSE B 8 -34.54 -12.68 -7.42
O MSE B 8 -33.62 -13.15 -6.76
CB MSE B 8 -33.80 -10.51 -8.43
CG MSE B 8 -33.27 -9.77 -9.66
SE MSE B 8 -31.60 -10.53 -10.42
CE MSE B 8 -32.34 -11.51 -11.90
N ASP B 9 -35.81 -12.77 -7.04
CA ASP B 9 -36.19 -13.54 -5.86
C ASP B 9 -36.04 -15.04 -6.14
N THR B 10 -36.44 -15.46 -7.33
CA THR B 10 -36.27 -16.85 -7.74
C THR B 10 -34.79 -17.17 -7.87
N LEU B 11 -34.04 -16.23 -8.46
CA LEU B 11 -32.59 -16.40 -8.60
C LEU B 11 -31.94 -16.62 -7.23
N ARG B 12 -32.28 -15.77 -6.26
CA ARG B 12 -31.72 -15.86 -4.91
C ARG B 12 -32.03 -17.21 -4.25
N GLU B 13 -33.31 -17.61 -4.29
CA GLU B 13 -33.69 -18.86 -3.64
C GLU B 13 -32.97 -20.07 -4.23
N ARG B 14 -32.83 -20.08 -5.55
CA ARG B 14 -32.10 -21.16 -6.22
C ARG B 14 -30.61 -21.18 -5.84
N LEU B 15 -29.98 -20.00 -5.89
CA LEU B 15 -28.58 -19.86 -5.52
C LEU B 15 -28.32 -20.43 -4.11
N LEU B 16 -29.19 -20.03 -3.18
CA LEU B 16 -29.05 -20.43 -1.79
C LEU B 16 -29.25 -21.93 -1.58
N ALA B 17 -29.98 -22.57 -2.48
CA ALA B 17 -30.21 -24.01 -2.41
C ALA B 17 -29.11 -24.80 -3.14
N GLY B 18 -28.10 -24.06 -3.60
CA GLY B 18 -26.92 -24.69 -4.17
C GLY B 18 -26.99 -24.91 -5.68
N ASP B 19 -27.96 -24.25 -6.33
CA ASP B 19 -28.10 -24.28 -7.80
C ASP B 19 -26.91 -23.55 -8.45
N ARG B 20 -26.00 -24.33 -9.04
CA ARG B 20 -24.75 -23.75 -9.58
C ARG B 20 -24.97 -22.85 -10.80
N ALA B 21 -26.00 -23.12 -11.60
CA ALA B 21 -26.32 -22.23 -12.73
C ALA B 21 -26.88 -20.89 -12.26
N ALA B 22 -27.67 -20.93 -11.20
CA ALA B 22 -28.21 -19.71 -10.61
C ALA B 22 -27.04 -18.85 -10.08
N LEU B 23 -26.10 -19.52 -9.41
CA LEU B 23 -24.88 -18.87 -8.89
C LEU B 23 -24.12 -18.19 -10.04
N ALA B 24 -23.92 -18.91 -11.15
CA ALA B 24 -23.21 -18.33 -12.28
C ALA B 24 -23.92 -17.13 -12.88
N ARG B 25 -25.26 -17.20 -12.93
CA ARG B 25 -26.05 -16.09 -13.45
C ARG B 25 -25.89 -14.86 -12.55
N ALA B 26 -25.93 -15.05 -11.22
CA ALA B 26 -25.76 -13.93 -10.29
C ALA B 26 -24.35 -13.31 -10.40
N ILE B 27 -23.35 -14.18 -10.52
CA ILE B 27 -21.96 -13.72 -10.69
C ILE B 27 -21.81 -12.88 -11.95
N THR B 28 -22.38 -13.35 -13.06
CA THR B 28 -22.35 -12.61 -14.32
C THR B 28 -22.88 -11.18 -14.15
N LEU B 29 -23.99 -11.03 -13.41
CA LEU B 29 -24.53 -9.69 -13.12
C LEU B 29 -23.57 -8.86 -12.25
N ALA B 30 -23.10 -9.46 -11.16
CA ALA B 30 -22.19 -8.77 -10.23
C ALA B 30 -20.89 -8.30 -10.89
N GLU B 31 -20.39 -9.11 -11.83
CA GLU B 31 -19.11 -8.81 -12.47
C GLU B 31 -19.29 -8.02 -13.78
N SER B 32 -20.54 -7.69 -14.13
CA SER B 32 -20.84 -7.05 -15.41
C SER B 32 -20.15 -5.71 -15.57
N ARG B 33 -19.76 -5.36 -16.80
CA ARG B 33 -19.28 -4.02 -17.04
C ARG B 33 -20.42 -3.08 -17.38
N ARG B 34 -21.65 -3.59 -17.32
CA ARG B 34 -22.85 -2.76 -17.46
C ARG B 34 -23.37 -2.35 -16.10
N ALA B 35 -23.47 -1.04 -15.86
CA ALA B 35 -23.91 -0.58 -14.55
C ALA B 35 -25.31 -1.07 -14.19
N ASP B 36 -26.21 -1.16 -15.17
CA ASP B 36 -27.59 -1.60 -14.89
C ASP B 36 -27.65 -3.06 -14.43
N HIS B 37 -26.80 -3.90 -15.00
CA HIS B 37 -26.68 -5.29 -14.59
C HIS B 37 -26.16 -5.44 -13.16
N ARG B 38 -25.08 -4.72 -12.84
CA ARG B 38 -24.56 -4.71 -11.48
C ARG B 38 -25.62 -4.20 -10.50
N ALA B 39 -26.29 -3.09 -10.84
CA ALA B 39 -27.36 -2.56 -9.97
C ALA B 39 -28.44 -3.59 -9.68
N ALA B 40 -28.76 -4.41 -10.68
CA ALA B 40 -29.88 -5.35 -10.58
C ALA B 40 -29.69 -6.46 -9.53
N VAL B 41 -28.43 -6.76 -9.18
CA VAL B 41 -28.10 -7.86 -8.27
C VAL B 41 -27.67 -7.38 -6.85
N ARG B 42 -27.65 -6.06 -6.63
CA ARG B 42 -27.22 -5.52 -5.32
C ARG B 42 -28.06 -6.02 -4.14
N ASP B 43 -29.39 -5.96 -4.28
CA ASP B 43 -30.26 -6.40 -3.17
C ASP B 43 -30.15 -7.90 -2.94
N LEU B 44 -29.98 -8.68 -4.02
CA LEU B 44 -29.78 -10.12 -3.91
C LEU B 44 -28.54 -10.42 -3.04
N ILE B 45 -27.43 -9.75 -3.34
CA ILE B 45 -26.19 -9.95 -2.59
C ILE B 45 -26.40 -9.59 -1.11
N ASP B 46 -26.98 -8.42 -0.86
CA ASP B 46 -27.23 -8.01 0.53
C ASP B 46 -28.16 -8.97 1.26
N ALA B 47 -29.16 -9.48 0.55
CA ALA B 47 -30.12 -10.41 1.17
C ALA B 47 -29.46 -11.71 1.58
N VAL B 48 -28.45 -12.14 0.84
CA VAL B 48 -27.74 -13.37 1.17
C VAL B 48 -26.54 -13.25 2.12
N LEU B 49 -26.18 -12.03 2.52
CA LEU B 49 -25.03 -11.85 3.44
C LEU B 49 -25.03 -12.69 4.71
N PRO B 50 -26.20 -12.86 5.37
CA PRO B 50 -26.18 -13.71 6.57
C PRO B 50 -25.70 -15.15 6.34
N GLN B 51 -25.67 -15.59 5.07
CA GLN B 51 -25.21 -16.96 4.74
C GLN B 51 -23.75 -17.00 4.29
N THR B 52 -23.07 -15.86 4.38
CA THR B 52 -21.67 -15.79 3.93
C THR B 52 -20.70 -15.94 5.12
N GLY B 53 -19.41 -16.02 4.81
CA GLY B 53 -18.35 -15.96 5.82
C GLY B 53 -17.94 -17.30 6.43
N ARG B 54 -18.70 -18.35 6.14
CA ARG B 54 -18.39 -19.68 6.67
C ARG B 54 -17.53 -20.48 5.67
N ALA B 55 -16.47 -19.84 5.21
CA ALA B 55 -15.55 -20.46 4.26
C ALA B 55 -14.13 -20.06 4.65
N ILE B 56 -13.15 -20.88 4.27
CA ILE B 56 -11.75 -20.51 4.39
C ILE B 56 -11.39 -19.83 3.07
N ARG B 57 -10.89 -18.59 3.17
CA ARG B 57 -10.55 -17.81 1.96
C ARG B 57 -9.03 -17.76 1.84
N VAL B 58 -8.49 -18.32 0.78
CA VAL B 58 -7.02 -18.44 0.62
C VAL B 58 -6.57 -17.76 -0.66
N GLY B 59 -5.65 -16.81 -0.56
CA GLY B 59 -5.02 -16.26 -1.76
C GLY B 59 -3.76 -17.02 -2.08
N ILE B 60 -3.50 -17.22 -3.37
CA ILE B 60 -2.36 -18.00 -3.81
C ILE B 60 -1.64 -17.26 -4.92
N THR B 61 -0.33 -17.10 -4.78
CA THR B 61 0.47 -16.45 -5.82
C THR B 61 1.77 -17.23 -6.06
N GLY B 62 2.43 -16.91 -7.16
CA GLY B 62 3.73 -17.47 -7.50
C GLY B 62 4.09 -17.06 -8.91
N VAL B 63 5.39 -17.00 -9.19
CA VAL B 63 5.86 -16.62 -10.51
C VAL B 63 5.41 -17.62 -11.59
N PRO B 64 5.12 -17.12 -12.82
CA PRO B 64 4.90 -18.03 -13.94
C PRO B 64 5.96 -19.12 -13.97
N GLY B 65 5.53 -20.38 -14.11
CA GLY B 65 6.44 -21.52 -14.08
C GLY B 65 6.64 -22.22 -12.75
N VAL B 66 6.13 -21.64 -11.64
CA VAL B 66 6.36 -22.23 -10.33
C VAL B 66 5.53 -23.48 -10.04
N GLY B 67 4.51 -23.72 -10.89
CA GLY B 67 3.60 -24.86 -10.71
C GLY B 67 2.31 -24.49 -9.98
N LYS B 68 1.90 -23.22 -10.08
CA LYS B 68 0.73 -22.72 -9.38
C LYS B 68 -0.55 -23.45 -9.81
N SER B 69 -0.79 -23.53 -11.11
CA SER B 69 -1.98 -24.22 -11.64
C SER B 69 -2.03 -25.70 -11.24
N THR B 70 -0.90 -26.38 -11.42
CA THR B 70 -0.78 -27.79 -11.02
C THR B 70 -1.04 -27.98 -9.52
N THR B 71 -0.50 -27.06 -8.70
CA THR B 71 -0.70 -27.16 -7.26
C THR B 71 -2.16 -26.92 -6.86
N ILE B 72 -2.77 -25.90 -7.46
CA ILE B 72 -4.17 -25.60 -7.17
C ILE B 72 -5.05 -26.75 -7.61
N ASP B 73 -4.76 -27.34 -8.77
CA ASP B 73 -5.51 -28.50 -9.26
C ASP B 73 -5.46 -29.64 -8.24
N ALA B 74 -4.24 -29.98 -7.79
CA ALA B 74 -4.04 -31.06 -6.84
C ALA B 74 -4.68 -30.79 -5.47
N LEU B 75 -4.48 -29.58 -4.96
CA LEU B 75 -5.01 -29.20 -3.65
C LEU B 75 -6.54 -29.19 -3.70
N GLY B 76 -7.10 -28.59 -4.75
CA GLY B 76 -8.56 -28.54 -4.93
C GLY B 76 -9.16 -29.95 -4.96
N SER B 77 -8.48 -30.86 -5.65
CA SER B 77 -8.94 -32.25 -5.77
C SER B 77 -8.90 -33.00 -4.43
N LEU B 78 -7.84 -32.77 -3.65
CA LEU B 78 -7.77 -33.32 -2.31
C LEU B 78 -8.94 -32.82 -1.48
N LEU B 79 -9.22 -31.52 -1.60
CA LEU B 79 -10.30 -30.91 -0.85
C LEU B 79 -11.69 -31.44 -1.25
N THR B 80 -11.94 -31.59 -2.54
CA THR B 80 -13.26 -32.07 -2.96
C THR B 80 -13.42 -33.54 -2.61
N ALA B 81 -12.33 -34.31 -2.71
CA ALA B 81 -12.36 -35.70 -2.25
C ALA B 81 -12.73 -35.82 -0.77
N ALA B 82 -12.36 -34.81 0.02
CA ALA B 82 -12.67 -34.77 1.44
C ALA B 82 -14.03 -34.16 1.78
N GLY B 83 -14.83 -33.89 0.75
CA GLY B 83 -16.20 -33.41 0.91
C GLY B 83 -16.36 -31.90 0.87
N HIS B 84 -15.26 -31.17 0.62
CA HIS B 84 -15.36 -29.72 0.51
C HIS B 84 -15.93 -29.30 -0.84
N LYS B 85 -16.53 -28.11 -0.83
CA LYS B 85 -17.07 -27.46 -2.01
C LYS B 85 -16.12 -26.30 -2.28
N VAL B 86 -15.43 -26.33 -3.41
CA VAL B 86 -14.28 -25.45 -3.66
C VAL B 86 -14.52 -24.50 -4.84
N ALA B 87 -14.43 -23.20 -4.56
CA ALA B 87 -14.48 -22.20 -5.64
C ALA B 87 -13.05 -21.75 -5.89
N VAL B 88 -12.73 -21.57 -7.17
CA VAL B 88 -11.41 -21.07 -7.60
C VAL B 88 -11.64 -19.84 -8.48
N LEU B 89 -11.23 -18.68 -7.96
CA LEU B 89 -11.44 -17.39 -8.59
C LEU B 89 -10.08 -16.81 -8.98
N ALA B 90 -10.05 -15.97 -10.01
CA ALA B 90 -8.78 -15.44 -10.49
C ALA B 90 -8.85 -13.94 -10.50
N VAL B 91 -7.71 -13.28 -10.27
CA VAL B 91 -7.62 -11.83 -10.42
C VAL B 91 -6.47 -11.58 -11.41
N ASP B 92 -6.81 -11.03 -12.57
CA ASP B 92 -5.85 -10.86 -13.67
C ASP B 92 -5.85 -9.39 -14.12
N PRO B 93 -4.75 -8.65 -13.84
CA PRO B 93 -4.57 -7.25 -14.27
C PRO B 93 -4.72 -7.06 -15.79
N SER B 94 -4.41 -8.09 -16.58
CA SER B 94 -4.42 -7.97 -18.05
C SER B 94 -5.84 -7.84 -18.63
N SER B 95 -6.84 -8.11 -17.78
CA SER B 95 -8.24 -7.97 -18.16
CA SER B 95 -8.25 -7.96 -18.13
C SER B 95 -8.57 -6.54 -18.60
N THR B 96 -7.76 -5.57 -18.16
CA THR B 96 -7.95 -4.17 -18.54
C THR B 96 -7.58 -3.92 -20.00
N ARG B 97 -6.72 -4.78 -20.54
CA ARG B 97 -6.23 -4.68 -21.90
C ARG B 97 -7.08 -5.55 -22.85
N THR B 98 -7.67 -6.60 -22.30
CA THR B 98 -8.30 -7.61 -23.15
C THR B 98 -9.82 -7.60 -23.11
N GLY B 99 -10.40 -6.90 -22.12
CA GLY B 99 -11.83 -6.99 -21.82
C GLY B 99 -12.16 -8.23 -20.98
N GLY B 100 -11.15 -9.03 -20.65
CA GLY B 100 -11.33 -10.23 -19.85
C GLY B 100 -11.75 -11.40 -20.71
N SER B 101 -11.56 -12.60 -20.17
CA SER B 101 -11.81 -13.83 -20.92
C SER B 101 -13.22 -14.35 -20.65
N ILE B 102 -13.88 -14.86 -21.69
CA ILE B 102 -15.19 -15.51 -21.53
C ILE B 102 -15.01 -16.89 -20.90
N LEU B 103 -14.11 -17.70 -21.45
CA LEU B 103 -13.98 -19.10 -21.05
C LEU B 103 -12.85 -19.34 -20.04
N GLY B 104 -11.93 -18.39 -19.95
CA GLY B 104 -10.74 -18.53 -19.11
C GLY B 104 -9.83 -19.59 -19.69
N ASP B 105 -9.08 -20.25 -18.83
CA ASP B 105 -8.18 -21.32 -19.26
C ASP B 105 -8.19 -22.40 -18.20
N LYS B 106 -8.70 -23.58 -18.56
CA LYS B 106 -8.77 -24.70 -17.61
C LYS B 106 -7.99 -25.94 -18.09
N THR B 107 -7.31 -25.80 -19.23
CA THR B 107 -6.24 -26.72 -19.64
C THR B 107 -5.27 -26.92 -18.49
N ARG B 108 -5.20 -25.90 -17.64
CA ARG B 108 -4.21 -25.80 -16.59
C ARG B 108 -4.62 -26.48 -15.29
N MSE B 109 -5.92 -26.69 -15.12
CA MSE B 109 -6.45 -27.43 -13.97
C MSE B 109 -7.41 -28.50 -14.47
O MSE B 109 -8.62 -28.46 -14.20
CB MSE B 109 -7.13 -26.48 -13.00
CG MSE B 109 -6.17 -25.49 -12.33
SE MSE B 109 -7.12 -24.27 -11.14
CE MSE B 109 -8.48 -23.66 -12.35
N ALA B 110 -6.85 -29.47 -15.18
CA ALA B 110 -7.62 -30.47 -15.95
C ALA B 110 -8.61 -31.27 -15.11
N ARG B 111 -8.16 -31.83 -14.00
CA ARG B 111 -9.02 -32.63 -13.11
C ARG B 111 -10.12 -31.79 -12.50
N LEU B 112 -9.74 -30.64 -11.94
CA LEU B 112 -10.70 -29.78 -11.26
C LEU B 112 -11.76 -29.23 -12.19
N ALA B 113 -11.36 -29.01 -13.45
CA ALA B 113 -12.20 -28.39 -14.46
C ALA B 113 -13.44 -29.22 -14.77
N ILE B 114 -13.34 -30.54 -14.53
CA ILE B 114 -14.50 -31.41 -14.78
C ILE B 114 -15.13 -31.92 -13.49
N ASP B 115 -14.61 -31.47 -12.35
CA ASP B 115 -15.10 -31.91 -11.04
C ASP B 115 -16.26 -30.99 -10.65
N ARG B 116 -17.48 -31.53 -10.62
CA ARG B 116 -18.68 -30.73 -10.30
C ARG B 116 -18.73 -30.19 -8.85
N ASN B 117 -17.86 -30.73 -8.00
CA ASN B 117 -17.73 -30.25 -6.62
C ASN B 117 -16.87 -28.99 -6.55
N ALA B 118 -16.30 -28.63 -7.68
CA ALA B 118 -15.54 -27.38 -7.81
C ALA B 118 -16.19 -26.43 -8.80
N PHE B 119 -15.86 -25.15 -8.65
CA PHE B 119 -16.49 -24.07 -9.41
C PHE B 119 -15.38 -23.09 -9.73
N ILE B 120 -14.96 -23.07 -10.99
CA ILE B 120 -13.82 -22.26 -11.41
C ILE B 120 -14.29 -21.13 -12.30
N ARG B 121 -13.84 -19.92 -11.99
CA ARG B 121 -14.24 -18.72 -12.72
C ARG B 121 -13.02 -17.96 -13.22
N PRO B 122 -13.08 -17.47 -14.48
CA PRO B 122 -12.00 -16.59 -14.92
C PRO B 122 -12.06 -15.23 -14.24
N SER B 123 -10.96 -14.50 -14.29
CA SER B 123 -10.94 -13.14 -13.74
C SER B 123 -12.02 -12.25 -14.40
N PRO B 124 -12.70 -11.39 -13.60
CA PRO B 124 -13.63 -10.42 -14.20
C PRO B 124 -12.83 -9.33 -14.89
N SER B 125 -13.51 -8.50 -15.68
CA SER B 125 -12.86 -7.36 -16.28
CA SER B 125 -12.85 -7.35 -16.25
C SER B 125 -13.41 -6.08 -15.68
N SER B 126 -12.56 -5.08 -15.67
CA SER B 126 -12.89 -3.78 -15.29
C SER B 126 -11.85 -2.96 -15.99
N GLY B 127 -12.07 -1.65 -16.00
CA GLY B 127 -11.08 -0.72 -16.53
C GLY B 127 -9.79 -0.70 -15.73
N THR B 128 -9.84 -1.21 -14.49
CA THR B 128 -8.70 -1.16 -13.56
C THR B 128 -8.61 -2.45 -12.72
N LEU B 129 -7.43 -2.71 -12.19
CA LEU B 129 -7.22 -3.79 -11.20
C LEU B 129 -8.15 -3.70 -9.97
N GLY B 130 -8.24 -2.53 -9.35
CA GLY B 130 -9.10 -2.30 -8.18
C GLY B 130 -10.55 -2.71 -8.41
N GLY B 131 -11.09 -2.35 -9.58
CA GLY B 131 -12.42 -2.78 -10.02
C GLY B 131 -12.53 -4.29 -10.15
N VAL B 132 -11.49 -4.91 -10.68
CA VAL B 132 -11.45 -6.36 -10.89
C VAL B 132 -11.53 -7.03 -9.51
N ALA B 133 -10.68 -6.59 -8.59
CA ALA B 133 -10.64 -7.20 -7.28
C ALA B 133 -11.94 -6.99 -6.49
N ALA B 134 -12.52 -5.79 -6.56
CA ALA B 134 -13.76 -5.53 -5.83
C ALA B 134 -14.91 -6.40 -6.35
N LYS B 135 -14.96 -6.61 -7.67
CA LYS B 135 -15.96 -7.53 -8.22
C LYS B 135 -15.74 -8.94 -7.71
N THR B 136 -14.47 -9.33 -7.57
CA THR B 136 -14.13 -10.66 -7.06
C THR B 136 -14.67 -10.78 -5.62
N ARG B 137 -14.62 -9.70 -4.83
CA ARG B 137 -15.18 -9.78 -3.46
C ARG B 137 -16.67 -10.07 -3.46
N GLU B 138 -17.41 -9.41 -4.35
CA GLU B 138 -18.88 -9.67 -4.46
C GLU B 138 -19.11 -11.11 -4.89
N THR B 139 -18.31 -11.57 -5.86
CA THR B 139 -18.42 -12.95 -6.32
C THR B 139 -18.14 -13.96 -5.20
N MSE B 140 -17.11 -13.69 -4.39
CA MSE B 140 -16.78 -14.56 -3.27
CA MSE B 140 -16.78 -14.54 -3.26
C MSE B 140 -17.99 -14.70 -2.34
O MSE B 140 -18.33 -15.81 -1.91
CB MSE B 140 -15.57 -14.01 -2.49
CB MSE B 140 -15.65 -13.90 -2.47
CG MSE B 140 -14.22 -14.10 -3.24
CG MSE B 140 -15.09 -14.75 -1.41
SE MSE B 140 -12.84 -13.15 -2.22
SE MSE B 140 -13.53 -13.89 -0.70
CE MSE B 140 -13.73 -13.22 -0.48
CE MSE B 140 -12.50 -13.74 -2.35
N LEU B 141 -18.63 -13.58 -2.02
CA LEU B 141 -19.80 -13.59 -1.14
C LEU B 141 -20.93 -14.47 -1.71
N LEU B 142 -21.16 -14.34 -3.01
CA LEU B 142 -22.17 -15.12 -3.70
C LEU B 142 -21.83 -16.61 -3.58
N CYS B 143 -20.56 -16.94 -3.84
CA CYS B 143 -20.12 -18.33 -3.72
C CYS B 143 -20.36 -18.89 -2.32
N GLU B 144 -20.01 -18.10 -1.30
CA GLU B 144 -20.17 -18.54 0.10
C GLU B 144 -21.66 -18.73 0.40
N ALA B 145 -22.50 -17.81 -0.05
CA ALA B 145 -23.96 -17.92 0.16
C ALA B 145 -24.50 -19.20 -0.51
N ALA B 146 -23.87 -19.61 -1.60
CA ALA B 146 -24.28 -20.82 -2.35
C ALA B 146 -23.78 -22.12 -1.69
N GLY B 147 -22.95 -21.99 -0.67
CA GLY B 147 -22.47 -23.13 0.13
C GLY B 147 -21.04 -23.57 -0.08
N PHE B 148 -20.28 -22.85 -0.91
CA PHE B 148 -18.85 -23.12 -0.99
C PHE B 148 -18.14 -22.81 0.33
N ASP B 149 -17.39 -23.79 0.83
CA ASP B 149 -16.69 -23.62 2.10
C ASP B 149 -15.19 -23.39 1.96
N VAL B 150 -14.70 -23.45 0.72
CA VAL B 150 -13.31 -23.09 0.44
C VAL B 150 -13.31 -22.16 -0.77
N ILE B 151 -12.71 -20.98 -0.62
CA ILE B 151 -12.56 -20.05 -1.73
C ILE B 151 -11.07 -19.86 -1.97
N LEU B 152 -10.58 -20.30 -3.13
CA LEU B 152 -9.19 -20.08 -3.53
C LEU B 152 -9.16 -18.93 -4.54
N VAL B 153 -8.32 -17.93 -4.29
CA VAL B 153 -8.22 -16.78 -5.20
C VAL B 153 -6.76 -16.73 -5.69
N GLU B 154 -6.59 -16.79 -7.00
CA GLU B 154 -5.27 -16.91 -7.64
C GLU B 154 -4.86 -15.61 -8.33
N THR B 155 -3.61 -15.19 -8.15
CA THR B 155 -3.08 -14.13 -8.99
C THR B 155 -2.81 -14.77 -10.34
N VAL B 156 -3.19 -14.09 -11.42
CA VAL B 156 -3.03 -14.67 -12.75
C VAL B 156 -2.30 -13.67 -13.65
N GLY B 157 -1.44 -14.18 -14.53
CA GLY B 157 -0.69 -13.37 -15.50
C GLY B 157 0.40 -12.51 -14.92
N VAL B 158 0.94 -11.61 -15.75
CA VAL B 158 1.93 -10.63 -15.28
C VAL B 158 1.17 -9.41 -14.76
N GLY B 159 1.80 -8.70 -13.83
CA GLY B 159 1.10 -7.60 -13.17
C GLY B 159 1.10 -7.84 -11.69
N GLN B 160 0.97 -6.76 -10.93
CA GLN B 160 1.16 -6.77 -9.50
C GLN B 160 -0.19 -6.83 -8.79
N SER B 161 -0.77 -8.03 -8.82
CA SER B 161 -2.09 -8.23 -8.21
C SER B 161 -2.00 -8.85 -6.82
N GLU B 162 -0.78 -9.02 -6.28
CA GLU B 162 -0.60 -9.68 -5.00
C GLU B 162 -1.29 -8.99 -3.84
N THR B 163 -1.15 -7.66 -3.74
CA THR B 163 -1.77 -6.95 -2.65
C THR B 163 -3.29 -7.10 -2.72
N ALA B 164 -3.82 -7.02 -3.93
CA ALA B 164 -5.28 -7.11 -4.17
C ALA B 164 -5.77 -8.47 -3.66
N VAL B 165 -5.08 -9.53 -4.06
CA VAL B 165 -5.47 -10.89 -3.65
C VAL B 165 -5.30 -11.11 -2.14
N ALA B 166 -4.22 -10.57 -1.57
CA ALA B 166 -4.06 -10.63 -0.10
C ALA B 166 -5.25 -9.95 0.57
N ASP B 167 -5.69 -8.83 0.01
CA ASP B 167 -6.78 -8.05 0.61
C ASP B 167 -8.16 -8.65 0.31
N LEU B 168 -8.20 -9.75 -0.45
CA LEU B 168 -9.44 -10.46 -0.73
C LEU B 168 -9.62 -11.73 0.13
N THR B 169 -8.59 -12.07 0.89
CA THR B 169 -8.53 -13.40 1.50
C THR B 169 -8.07 -13.37 2.96
N ASP B 170 -8.22 -14.50 3.64
CA ASP B 170 -7.84 -14.63 5.06
C ASP B 170 -6.37 -15.00 5.24
N PHE B 171 -5.84 -15.71 4.23
CA PHE B 171 -4.53 -16.36 4.32
C PHE B 171 -3.88 -16.21 2.96
N PHE B 172 -2.62 -15.79 2.93
CA PHE B 172 -1.94 -15.55 1.64
C PHE B 172 -0.76 -16.50 1.50
N LEU B 173 -0.88 -17.40 0.54
CA LEU B 173 0.12 -18.43 0.30
C LEU B 173 1.02 -18.07 -0.88
N VAL B 174 2.32 -18.12 -0.63
CA VAL B 174 3.28 -17.82 -1.68
C VAL B 174 3.99 -19.11 -2.13
N LEU B 175 3.84 -19.47 -3.39
CA LEU B 175 4.56 -20.64 -3.96
C LEU B 175 5.89 -20.18 -4.54
N MSE B 176 6.97 -20.88 -4.18
CA MSE B 176 8.31 -20.47 -4.62
C MSE B 176 9.09 -21.59 -5.31
O MSE B 176 8.81 -22.77 -5.10
CB MSE B 176 9.10 -19.88 -3.44
CG MSE B 176 8.34 -18.70 -2.81
SE MSE B 176 9.43 -17.50 -1.73
CE MSE B 176 10.63 -16.85 -3.14
N LEU B 177 10.03 -21.19 -6.16
CA LEU B 177 10.92 -22.12 -6.85
C LEU B 177 11.93 -22.77 -5.89
N PRO B 178 12.39 -23.99 -6.21
CA PRO B 178 13.28 -24.73 -5.31
C PRO B 178 14.78 -24.37 -5.32
N GLY B 179 15.21 -23.41 -6.13
CA GLY B 179 16.63 -22.99 -6.09
C GLY B 179 17.14 -22.50 -4.72
N ALA B 180 18.40 -22.82 -4.40
CA ALA B 180 19.01 -22.37 -3.15
C ALA B 180 20.41 -21.78 -3.38
N GLY B 181 20.97 -21.13 -2.37
CA GLY B 181 22.24 -20.42 -2.49
C GLY B 181 22.25 -19.41 -3.64
N ASP B 182 23.17 -19.61 -4.59
CA ASP B 182 23.28 -18.76 -5.77
C ASP B 182 22.03 -18.85 -6.65
N GLU B 183 21.21 -19.88 -6.43
CA GLU B 183 20.03 -20.09 -7.23
C GLU B 183 18.76 -19.74 -6.44
N LEU B 184 18.91 -19.18 -5.24
CA LEU B 184 17.74 -18.75 -4.46
C LEU B 184 16.90 -17.74 -5.26
N GLN B 185 15.59 -18.00 -5.33
CA GLN B 185 14.69 -17.15 -6.09
C GLN B 185 14.63 -15.73 -5.52
N GLY B 186 14.45 -15.62 -4.21
CA GLY B 186 14.31 -14.32 -3.55
C GLY B 186 12.85 -13.85 -3.59
N ILE B 187 12.47 -13.10 -2.55
CA ILE B 187 11.11 -12.58 -2.41
C ILE B 187 11.03 -11.15 -2.95
N LYS B 188 10.17 -10.96 -3.96
CA LYS B 188 9.96 -9.66 -4.60
C LYS B 188 9.46 -8.63 -3.58
N LYS B 189 9.82 -7.37 -3.79
CA LYS B 189 9.39 -6.28 -2.89
C LYS B 189 7.88 -6.27 -2.64
N GLY B 190 7.54 -6.32 -1.35
CA GLY B 190 6.18 -6.19 -0.89
C GLY B 190 5.53 -7.52 -0.59
N ILE B 191 6.12 -8.60 -1.11
CA ILE B 191 5.53 -9.95 -0.92
C ILE B 191 5.76 -10.54 0.48
N PHE B 192 6.93 -10.28 1.09
CA PHE B 192 7.24 -10.84 2.42
C PHE B 192 6.19 -10.39 3.42
N GLU B 193 5.85 -9.11 3.42
CA GLU B 193 4.88 -8.61 4.37
C GLU B 193 3.49 -9.25 4.17
N LEU B 194 3.21 -9.70 2.95
CA LEU B 194 1.90 -10.35 2.65
C LEU B 194 1.85 -11.83 3.03
N ALA B 195 3.00 -12.50 3.07
CA ALA B 195 3.02 -13.96 3.11
C ALA B 195 2.64 -14.54 4.46
N ASP B 196 1.62 -15.41 4.47
CA ASP B 196 1.30 -16.18 5.68
C ASP B 196 1.94 -17.58 5.66
N MSE B 197 2.44 -17.98 4.51
CA MSE B 197 3.18 -19.24 4.38
C MSE B 197 3.90 -19.21 3.06
O MSE B 197 3.39 -18.65 2.08
CB MSE B 197 2.23 -20.47 4.48
CG MSE B 197 2.96 -21.81 4.20
SE MSE B 197 1.99 -23.37 5.00
CE MSE B 197 0.22 -23.03 4.28
N ILE B 198 5.10 -19.79 3.05
CA ILE B 198 5.84 -20.02 1.82
C ILE B 198 5.87 -21.53 1.60
N ALA B 199 5.46 -21.96 0.40
CA ALA B 199 5.61 -23.36 0.01
C ALA B 199 6.59 -23.44 -1.14
N VAL B 200 7.70 -24.15 -0.93
CA VAL B 200 8.67 -24.36 -1.98
C VAL B 200 8.25 -25.58 -2.79
N ASN B 201 7.99 -25.38 -4.08
CA ASN B 201 7.40 -26.40 -4.94
C ASN B 201 8.42 -27.15 -5.80
N LYS B 202 7.96 -28.24 -6.43
CA LYS B 202 8.77 -29.03 -7.38
C LYS B 202 9.82 -29.89 -6.70
N ALA B 203 9.62 -30.16 -5.41
CA ALA B 203 10.48 -31.05 -4.64
C ALA B 203 10.57 -32.45 -5.25
N ARG B 210 15.34 -31.66 -1.25
CA ARG B 210 16.76 -31.65 -1.60
C ARG B 210 17.26 -30.22 -1.70
N ARG B 211 17.25 -29.62 -2.89
CA ARG B 211 17.50 -28.19 -3.02
C ARG B 211 16.28 -27.41 -2.53
N ALA B 212 15.10 -28.03 -2.64
CA ALA B 212 13.85 -27.44 -2.14
C ALA B 212 13.90 -27.27 -0.62
N SER B 213 14.34 -28.31 0.09
CA SER B 213 14.51 -28.24 1.55
CA SER B 213 14.49 -28.23 1.54
C SER B 213 15.59 -27.22 1.93
N ALA B 214 16.63 -27.12 1.10
CA ALA B 214 17.68 -26.14 1.31
C ALA B 214 17.11 -24.72 1.21
N ALA B 215 16.36 -24.47 0.14
CA ALA B 215 15.72 -23.17 -0.09
C ALA B 215 14.78 -22.84 1.06
N ALA B 216 13.94 -23.82 1.44
CA ALA B 216 13.03 -23.64 2.57
C ALA B 216 13.76 -23.19 3.84
N SER B 217 14.90 -23.83 4.14
CA SER B 217 15.67 -23.49 5.33
CA SER B 217 15.69 -23.49 5.32
C SER B 217 16.15 -22.03 5.28
N GLU B 218 16.59 -21.58 4.11
CA GLU B 218 17.00 -20.17 3.92
C GLU B 218 15.86 -19.21 4.14
N TYR B 219 14.71 -19.47 3.49
CA TYR B 219 13.55 -18.60 3.69
C TYR B 219 13.11 -18.60 5.16
N ARG B 220 13.07 -19.77 5.79
CA ARG B 220 12.59 -19.91 7.17
C ARG B 220 13.45 -19.08 8.15
N ALA B 221 14.76 -19.18 7.99
CA ALA B 221 15.70 -18.52 8.89
C ALA B 221 15.51 -17.01 8.81
N ALA B 222 15.38 -16.50 7.59
CA ALA B 222 15.17 -15.07 7.35
C ALA B 222 13.80 -14.62 7.84
N LEU B 223 12.76 -15.39 7.54
CA LEU B 223 11.42 -15.07 8.03
C LEU B 223 11.37 -14.95 9.54
N HIS B 224 12.14 -15.79 10.22
CA HIS B 224 12.17 -15.76 11.67
C HIS B 224 12.87 -14.49 12.21
N ILE B 225 13.89 -14.01 11.49
CA ILE B 225 14.54 -12.75 11.85
C ILE B 225 13.57 -11.58 11.64
N LEU B 226 12.83 -11.62 10.53
CA LEU B 226 12.01 -10.49 10.08
C LEU B 226 10.64 -10.38 10.76
N THR B 227 10.12 -11.51 11.24
CA THR B 227 8.83 -11.52 11.91
C THR B 227 8.97 -11.13 13.39
N PRO B 228 8.25 -10.08 13.82
CA PRO B 228 8.22 -9.67 15.23
C PRO B 228 7.77 -10.81 16.12
N PRO B 229 8.35 -10.94 17.32
CA PRO B 229 7.89 -12.00 18.23
C PRO B 229 6.46 -11.78 18.76
N SER B 230 5.92 -10.58 18.57
CA SER B 230 4.57 -10.25 19.04
C SER B 230 3.43 -10.78 18.15
N ALA B 231 3.78 -11.15 16.91
CA ALA B 231 2.82 -11.72 15.94
C ALA B 231 2.12 -12.99 16.43
N THR B 232 0.80 -13.06 16.23
CA THR B 232 0.01 -14.24 16.54
C THR B 232 0.48 -15.41 15.66
N TRP B 233 0.86 -15.08 14.43
CA TRP B 233 1.21 -16.07 13.42
C TRP B 233 2.59 -15.82 12.83
N THR B 234 3.44 -16.83 12.89
CA THR B 234 4.75 -16.82 12.25
C THR B 234 4.62 -17.74 11.02
N PRO B 235 4.86 -17.19 9.80
CA PRO B 235 4.62 -17.98 8.59
C PRO B 235 5.46 -19.26 8.56
N PRO B 236 4.80 -20.44 8.45
CA PRO B 236 5.52 -21.68 8.15
C PRO B 236 6.19 -21.62 6.79
N VAL B 237 7.29 -22.35 6.64
CA VAL B 237 7.89 -22.59 5.33
C VAL B 237 7.92 -24.09 5.14
N VAL B 238 7.27 -24.55 4.08
CA VAL B 238 7.13 -26.00 3.82
C VAL B 238 7.58 -26.32 2.41
N THR B 239 7.86 -27.62 2.15
CA THR B 239 8.11 -28.04 0.79
C THR B 239 6.95 -28.93 0.31
N ILE B 240 6.64 -28.83 -0.96
CA ILE B 240 5.56 -29.61 -1.56
C ILE B 240 5.98 -30.10 -2.94
N SER B 241 5.19 -31.00 -3.52
CA SER B 241 5.24 -31.23 -4.94
C SER B 241 3.79 -31.19 -5.43
N GLY B 242 3.43 -30.16 -6.16
CA GLY B 242 2.08 -30.03 -6.73
C GLY B 242 1.77 -31.22 -7.63
N LEU B 243 2.70 -31.50 -8.53
CA LEU B 243 2.55 -32.56 -9.53
C LEU B 243 2.28 -33.93 -8.94
N HIS B 244 2.99 -34.27 -7.86
CA HIS B 244 2.86 -35.58 -7.23
C HIS B 244 2.08 -35.54 -5.92
N GLY B 245 1.50 -34.37 -5.61
CA GLY B 245 0.58 -34.21 -4.49
C GLY B 245 1.16 -34.36 -3.09
N LYS B 246 2.49 -34.32 -3.00
CA LYS B 246 3.18 -34.50 -1.74
C LYS B 246 3.16 -33.22 -0.92
N GLY B 247 2.88 -33.37 0.38
CA GLY B 247 2.94 -32.26 1.32
C GLY B 247 1.73 -31.33 1.33
N LEU B 248 0.74 -31.65 0.49
CA LEU B 248 -0.46 -30.79 0.37
C LEU B 248 -1.40 -30.90 1.57
N ASP B 249 -1.50 -32.11 2.12
CA ASP B 249 -2.35 -32.29 3.30
CA ASP B 249 -2.30 -32.37 3.33
C ASP B 249 -1.78 -31.50 4.47
N SER B 250 -0.46 -31.56 4.65
CA SER B 250 0.23 -30.76 5.67
CA SER B 250 0.24 -30.77 5.66
C SER B 250 0.05 -29.26 5.45
N LEU B 251 0.25 -28.83 4.21
CA LEU B 251 0.06 -27.44 3.82
CA LEU B 251 0.06 -27.43 3.81
C LEU B 251 -1.34 -26.96 4.23
N TRP B 252 -2.36 -27.72 3.83
CA TRP B 252 -3.73 -27.32 4.16
C TRP B 252 -3.96 -27.27 5.66
N SER B 253 -3.39 -28.22 6.39
CA SER B 253 -3.57 -28.25 7.83
C SER B 253 -3.06 -26.95 8.48
N ARG B 254 -2.00 -26.38 7.94
CA ARG B 254 -1.45 -25.13 8.53
C ARG B 254 -2.39 -23.95 8.28
N ILE B 255 -3.09 -23.99 7.15
CA ILE B 255 -4.13 -22.99 6.87
C ILE B 255 -5.28 -23.08 7.88
N GLU B 256 -5.65 -24.31 8.22
CA GLU B 256 -6.66 -24.56 9.24
C GLU B 256 -6.16 -24.11 10.61
N ASP B 257 -4.87 -24.31 10.85
CA ASP B 257 -4.25 -23.86 12.11
C ASP B 257 -4.35 -22.34 12.27
N HIS B 258 -4.05 -21.62 11.19
CA HIS B 258 -4.17 -20.17 11.13
C HIS B 258 -5.60 -19.73 11.43
N ARG B 259 -6.58 -20.37 10.79
CA ARG B 259 -7.98 -20.04 11.01
C ARG B 259 -8.33 -20.22 12.49
N SER B 260 -7.90 -21.34 13.06
CA SER B 260 -8.18 -21.63 14.45
C SER B 260 -7.57 -20.57 15.36
N LYS B 261 -6.28 -20.30 15.19
CA LYS B 261 -5.56 -19.39 16.06
C LYS B 261 -6.11 -17.96 15.97
N LEU B 262 -6.30 -17.49 14.73
CA LEU B 262 -6.71 -16.10 14.51
C LEU B 262 -8.20 -15.85 14.71
N THR B 263 -9.01 -16.91 14.72
CA THR B 263 -10.42 -16.79 15.10
C THR B 263 -10.53 -16.54 16.62
N ALA B 264 -9.70 -17.25 17.37
CA ALA B 264 -9.62 -17.13 18.82
C ALA B 264 -9.30 -15.71 19.27
N THR B 265 -8.43 -15.03 18.53
CA THR B 265 -8.03 -13.66 18.84
C THR B 265 -8.98 -12.62 18.22
N GLY B 266 -9.95 -13.09 17.43
CA GLY B 266 -10.85 -12.20 16.68
C GLY B 266 -10.23 -11.58 15.43
N GLU B 267 -9.01 -11.98 15.10
CA GLU B 267 -8.22 -11.39 14.01
C GLU B 267 -8.74 -11.73 12.62
N ILE B 268 -9.28 -12.93 12.43
CA ILE B 268 -9.94 -13.27 11.15
C ILE B 268 -11.08 -12.28 10.84
N ALA B 269 -11.99 -12.13 11.80
CA ALA B 269 -13.12 -11.21 11.65
C ALA B 269 -12.66 -9.77 11.45
N GLY B 270 -11.66 -9.36 12.22
CA GLY B 270 -11.17 -7.99 12.18
C GLY B 270 -10.58 -7.66 10.83
N LYS B 271 -9.81 -8.60 10.29
CA LYS B 271 -9.24 -8.40 8.95
C LYS B 271 -10.33 -8.28 7.88
N ARG B 272 -11.34 -9.15 7.93
CA ARG B 272 -12.42 -9.10 6.92
C ARG B 272 -13.15 -7.76 6.94
N ARG B 273 -13.38 -7.23 8.14
CA ARG B 273 -14.01 -5.93 8.31
C ARG B 273 -13.20 -4.82 7.62
N GLU B 274 -11.89 -4.81 7.86
CA GLU B 274 -11.00 -3.81 7.29
C GLU B 274 -10.98 -3.94 5.77
N GLN B 275 -10.91 -5.18 5.29
CA GLN B 275 -10.91 -5.45 3.85
C GLN B 275 -12.18 -4.92 3.20
N ASP B 276 -13.33 -5.22 3.81
CA ASP B 276 -14.60 -4.85 3.17
C ASP B 276 -14.74 -3.31 3.06
N VAL B 277 -14.30 -2.61 4.09
CA VAL B 277 -14.34 -1.15 4.05
C VAL B 277 -13.34 -0.64 3.00
N LYS B 278 -12.17 -1.27 2.94
CA LYS B 278 -11.20 -0.95 1.86
C LYS B 278 -11.81 -1.09 0.46
N TRP B 279 -12.52 -2.21 0.22
CA TRP B 279 -13.16 -2.44 -1.08
C TRP B 279 -14.27 -1.44 -1.38
N MSE B 280 -14.99 -1.06 -0.33
CA MSE B 280 -16.01 0.01 -0.47
C MSE B 280 -15.39 1.32 -0.99
O MSE B 280 -15.89 1.88 -1.97
CB MSE B 280 -16.71 0.28 0.85
CG MSE B 280 -17.86 1.24 0.64
SE MSE B 280 -18.51 1.82 2.43
CE MSE B 280 -17.07 3.06 2.83
N TRP B 281 -14.32 1.79 -0.34
CA TRP B 281 -13.67 3.03 -0.75
C TRP B 281 -12.99 2.87 -2.12
N ALA B 282 -12.41 1.71 -2.39
CA ALA B 282 -11.89 1.41 -3.74
C ALA B 282 -12.96 1.64 -4.81
N LEU B 283 -14.19 1.14 -4.57
CA LEU B 283 -15.29 1.30 -5.50
C LEU B 283 -15.78 2.75 -5.64
N VAL B 284 -15.76 3.49 -4.53
CA VAL B 284 -16.13 4.92 -4.57
C VAL B 284 -15.11 5.63 -5.46
N HIS B 285 -13.83 5.35 -5.24
CA HIS B 285 -12.78 6.04 -6.03
C HIS B 285 -12.80 5.61 -7.49
N GLU B 286 -13.11 4.34 -7.74
CA GLU B 286 -13.25 3.85 -9.10
C GLU B 286 -14.43 4.54 -9.84
N ARG B 287 -15.55 4.74 -9.14
CA ARG B 287 -16.69 5.43 -9.72
C ARG B 287 -16.32 6.87 -10.09
N LEU B 288 -15.57 7.55 -9.23
CA LEU B 288 -15.12 8.92 -9.52
C LEU B 288 -14.29 8.91 -10.79
N HIS B 289 -13.36 7.96 -10.88
CA HIS B 289 -12.50 7.95 -12.04
C HIS B 289 -13.33 7.65 -13.30
N GLN B 290 -14.29 6.73 -13.19
CA GLN B 290 -15.17 6.43 -14.32
C GLN B 290 -15.88 7.67 -14.85
N ARG B 291 -16.36 8.51 -13.95
CA ARG B 291 -16.99 9.77 -14.34
C ARG B 291 -15.98 10.64 -15.06
N LEU B 292 -14.74 10.65 -14.58
CA LEU B 292 -13.69 11.48 -15.18
C LEU B 292 -13.21 10.97 -16.55
N VAL B 293 -13.62 9.76 -16.90
CA VAL B 293 -13.32 9.21 -18.24
C VAL B 293 -14.61 8.80 -19.00
N GLY B 294 -15.73 9.41 -18.62
CA GLY B 294 -17.08 8.99 -19.09
C GLY B 294 -17.43 9.32 -20.52
N SER B 295 -16.64 10.20 -21.13
CA SER B 295 -16.81 10.60 -22.53
C SER B 295 -15.43 10.93 -23.09
N ALA B 296 -15.30 10.96 -24.42
CA ALA B 296 -14.00 11.24 -25.03
C ALA B 296 -13.45 12.60 -24.60
N GLU B 297 -14.31 13.62 -24.56
CA GLU B 297 -13.85 14.96 -24.24
C GLU B 297 -13.40 15.08 -22.78
N VAL B 298 -14.14 14.43 -21.87
CA VAL B 298 -13.71 14.42 -20.45
C VAL B 298 -12.45 13.60 -20.23
N ARG B 299 -12.38 12.42 -20.84
CA ARG B 299 -11.16 11.63 -20.75
C ARG B 299 -9.95 12.41 -21.23
N GLN B 300 -10.10 13.10 -22.36
CA GLN B 300 -8.99 13.91 -22.89
C GLN B 300 -8.47 14.91 -21.85
N ALA B 301 -9.38 15.59 -21.17
CA ALA B 301 -9.02 16.61 -20.17
C ALA B 301 -8.36 15.95 -18.96
N THR B 302 -8.94 14.86 -18.48
CA THR B 302 -8.32 14.15 -17.36
C THR B 302 -6.89 13.68 -17.70
N ALA B 303 -6.72 13.15 -18.90
CA ALA B 303 -5.44 12.69 -19.41
C ALA B 303 -4.44 13.85 -19.48
N GLU B 304 -4.91 15.02 -19.90
CA GLU B 304 -4.07 16.23 -19.95
C GLU B 304 -3.57 16.62 -18.56
N ALA B 305 -4.47 16.58 -17.58
CA ALA B 305 -4.08 16.86 -16.20
C ALA B 305 -3.04 15.86 -15.69
N GLU B 306 -3.27 14.56 -15.89
CA GLU B 306 -2.33 13.57 -15.39
C GLU B 306 -0.99 13.63 -16.11
N ARG B 307 -1.02 13.82 -17.42
CA ARG B 307 0.19 13.96 -18.23
C ARG B 307 1.01 15.15 -17.74
N ALA B 308 0.35 16.26 -17.40
CA ALA B 308 1.08 17.47 -16.95
C ALA B 308 1.87 17.15 -15.69
N VAL B 309 1.26 16.39 -14.78
CA VAL B 309 1.93 16.03 -13.52
C VAL B 309 3.01 14.95 -13.74
N ALA B 310 2.65 13.90 -14.48
CA ALA B 310 3.57 12.81 -14.83
C ALA B 310 4.82 13.32 -15.57
N GLY B 311 4.63 14.33 -16.40
CA GLY B 311 5.72 14.95 -17.16
C GLY B 311 6.55 15.97 -16.41
N GLY B 312 6.17 16.30 -15.17
CA GLY B 312 6.87 17.33 -14.40
C GLY B 312 6.68 18.74 -14.97
N GLU B 313 5.55 18.96 -15.66
CA GLU B 313 5.22 20.28 -16.21
C GLU B 313 4.46 21.16 -15.22
N HIS B 314 3.63 20.54 -14.38
CA HIS B 314 2.85 21.25 -13.39
C HIS B 314 2.85 20.46 -12.10
N SER B 315 2.60 21.15 -10.98
CA SER B 315 2.65 20.49 -9.68
C SER B 315 1.50 19.49 -9.53
N PRO B 316 1.65 18.50 -8.62
CA PRO B 316 0.52 17.59 -8.35
C PRO B 316 -0.80 18.31 -8.04
N ALA B 317 -0.76 19.33 -7.18
CA ALA B 317 -1.99 20.06 -6.83
C ALA B 317 -2.59 20.81 -8.02
N ALA B 318 -1.74 21.32 -8.94
CA ALA B 318 -2.25 21.91 -10.18
C ALA B 318 -3.03 20.88 -11.01
N GLY B 319 -2.53 19.64 -11.06
CA GLY B 319 -3.24 18.55 -11.73
C GLY B 319 -4.58 18.32 -11.03
N ALA B 320 -4.52 18.28 -9.70
CA ALA B 320 -5.75 18.07 -8.91
C ALA B 320 -6.76 19.20 -9.12
N ASP B 321 -6.29 20.43 -9.20
CA ASP B 321 -7.15 21.59 -9.47
C ASP B 321 -7.81 21.49 -10.85
N ALA B 322 -7.08 21.01 -11.86
CA ALA B 322 -7.69 20.77 -13.17
C ALA B 322 -8.82 19.74 -13.06
N ILE B 323 -8.58 18.65 -12.35
CA ILE B 323 -9.61 17.63 -12.10
C ILE B 323 -10.82 18.24 -11.40
N ALA B 324 -10.57 19.10 -10.41
CA ALA B 324 -11.67 19.75 -9.65
C ALA B 324 -12.58 20.54 -10.60
N THR B 325 -11.96 21.25 -11.55
CA THR B 325 -12.67 22.02 -12.58
C THR B 325 -13.57 21.10 -13.38
N LEU B 326 -13.04 19.95 -13.78
CA LEU B 326 -13.82 18.95 -14.53
C LEU B 326 -14.99 18.43 -13.73
N ILE B 327 -14.73 18.05 -12.48
CA ILE B 327 -15.78 17.60 -11.58
C ILE B 327 -16.92 18.63 -11.52
N GLY B 328 -16.57 19.91 -11.38
CA GLY B 328 -17.54 21.00 -11.34
C GLY B 328 -18.41 21.03 -12.59
N LEU B 329 -17.77 20.90 -13.75
CA LEU B 329 -18.46 20.81 -15.04
C LEU B 329 -19.33 19.55 -15.14
P PO4 C . 12.99 8.71 19.42
O1 PO4 C . 11.62 8.52 20.02
O2 PO4 C . 13.18 7.69 18.32
O3 PO4 C . 13.11 10.15 18.93
O4 PO4 C . 14.05 8.47 20.45
P PO4 D . -8.82 23.13 -0.95
O1 PO4 D . -9.91 23.07 0.08
O2 PO4 D . -9.43 23.22 -2.33
O3 PO4 D . -8.00 24.39 -0.75
O4 PO4 D . -7.95 21.92 -0.83
P PO4 E . 10.89 29.54 12.08
O1 PO4 E . 10.44 29.48 13.53
O2 PO4 E . 9.76 30.01 11.20
O3 PO4 E . 12.00 30.55 11.93
O4 PO4 E . 11.40 28.17 11.69
P PO4 F . 2.34 -21.86 -13.25
O1 PO4 F . 0.88 -22.21 -13.10
O2 PO4 F . 2.54 -20.92 -14.43
O3 PO4 F . 2.80 -21.17 -12.01
O4 PO4 F . 3.17 -23.09 -13.45
#